data_4YNY
#
_entry.id   4YNY
#
_cell.length_a   42.883
_cell.length_b   57.157
_cell.length_c   101.520
_cell.angle_alpha   97.92
_cell.angle_beta   101.53
_cell.angle_gamma   105.37
#
_symmetry.space_group_name_H-M   'P 1'
#
loop_
_entity.id
_entity.type
_entity.pdbx_description
1 polymer 'Heavy chain of antigen binding fragment, Fab'
2 polymer 'Light chain of antigen binding fragment, Fab'
3 water water
#
loop_
_entity_poly.entity_id
_entity_poly.type
_entity_poly.pdbx_seq_one_letter_code
_entity_poly.pdbx_strand_id
1 'polypeptide(L)'
;MDFRLSLAFLVLLIKGVQCEVQLVESGGGLVQPGRSLKLSCAASGFTFSNYGMAWVRQTPTKGLEWIASISAGGDKTYYG
DSVKGRFSISRDNAKTTHYLQMDSLRSEDTATYYCAKTSRVYFDYWGQGVMVTVSSAETTAPSVYPLAPGTALKSNSMVT
LGCLVKGYFPEPVTVTWNSGALSSGVHTFPAVLQSGLYTLTSSVTVPSSTWSSQAVTCNVAHPASSTKVDKKIVPREC
;
A,C
2 'polypeptide(L)'
;MTWTLLFLAFLHHLTGSCA(PCA)FVLTQPNSVSTNLGSTVKLSCKRSTGNIGSNYVNWYQQHEGRSPTTMIYRDDKRPD
GVPDRFSGSIDRSSNSALLTINNVQTEDEADYFCHSYSSGIVFGGGTKLTVLGQPKSTPTLTVFPPSTEELQGNKATLVC
LISDFYPSDVEVAWKANGAPISQGVDTANPTKQGNKYIASSFLRLTAEQWRSRNSFTCQVTHEGNTVEKSLSPAECV
;
B,D
#
# COMPACT_ATOMS: atom_id res chain seq x y z
N GLU A 20 -25.66 -17.76 36.28
CA GLU A 20 -24.51 -18.36 36.96
C GLU A 20 -23.71 -17.25 37.62
N VAL A 21 -22.71 -17.58 38.45
CA VAL A 21 -22.09 -16.60 39.33
C VAL A 21 -21.18 -15.68 38.52
N GLN A 22 -21.30 -14.37 38.74
CA GLN A 22 -20.42 -13.38 38.14
C GLN A 22 -19.86 -12.47 39.22
N LEU A 23 -18.56 -12.17 39.12
CA LEU A 23 -17.87 -11.22 40.00
C LEU A 23 -17.04 -10.30 39.13
N VAL A 24 -17.37 -9.01 39.08
CA VAL A 24 -16.72 -8.09 38.14
C VAL A 24 -16.00 -7.00 38.91
N GLU A 25 -14.66 -7.01 38.85
CA GLU A 25 -13.80 -6.06 39.56
CA GLU A 25 -13.86 -6.05 39.57
C GLU A 25 -13.64 -4.78 38.76
N SER A 26 -13.50 -3.67 39.50
CA SER A 26 -13.13 -2.39 38.86
C SER A 26 -12.36 -1.54 39.87
N GLY A 27 -11.73 -0.46 39.40
CA GLY A 27 -11.21 0.56 40.32
C GLY A 27 -9.73 0.56 40.63
N GLY A 28 -8.93 -0.18 39.88
CA GLY A 28 -7.50 -0.27 40.15
C GLY A 28 -6.72 0.71 39.30
N GLY A 29 -5.54 0.33 38.78
CA GLY A 29 -4.74 1.17 37.87
C GLY A 29 -3.58 1.73 38.67
N LEU A 30 -3.05 2.87 38.25
CA LEU A 30 -1.84 3.44 38.80
C LEU A 30 -2.15 4.38 39.96
N VAL A 31 -1.34 4.33 41.00
CA VAL A 31 -1.54 5.24 42.14
C VAL A 31 -0.16 5.55 42.71
N GLN A 32 0.05 6.77 43.25
CA GLN A 32 1.32 7.21 43.83
C GLN A 32 1.47 6.68 45.27
N PRO A 33 2.70 6.45 45.74
CA PRO A 33 2.88 5.98 47.13
C PRO A 33 2.29 6.98 48.13
N GLY A 34 1.70 6.41 49.21
CA GLY A 34 1.00 7.23 50.20
C GLY A 34 -0.41 7.61 49.85
N ARG A 35 -0.84 7.40 48.60
CA ARG A 35 -2.20 7.72 48.19
C ARG A 35 -3.08 6.46 48.33
N SER A 36 -4.35 6.57 47.95
CA SER A 36 -5.32 5.52 48.19
C SER A 36 -6.00 5.16 46.89
N LEU A 37 -6.59 3.94 46.90
CA LEU A 37 -7.44 3.45 45.83
CA LEU A 37 -7.42 3.45 45.81
C LEU A 37 -8.59 2.68 46.42
N LYS A 38 -9.77 2.71 45.79
CA LYS A 38 -10.94 1.91 46.23
C LYS A 38 -11.32 0.90 45.13
N LEU A 39 -11.14 -0.38 45.39
CA LEU A 39 -11.55 -1.42 44.44
C LEU A 39 -12.99 -1.80 44.70
N SER A 40 -13.73 -2.22 43.63
CA SER A 40 -15.14 -2.60 43.69
C SER A 40 -15.30 -3.97 43.07
N CYS A 41 -16.19 -4.79 43.64
CA CYS A 41 -16.57 -6.05 43.02
C CYS A 41 -18.08 -6.10 42.93
N ALA A 42 -18.60 -6.12 41.72
CA ALA A 42 -20.03 -6.17 41.51
C ALA A 42 -20.43 -7.60 41.23
N ALA A 43 -21.34 -8.15 42.04
CA ALA A 43 -21.66 -9.57 42.00
C ALA A 43 -23.08 -9.84 41.50
N SER A 44 -23.24 -11.01 40.87
CA SER A 44 -24.57 -11.44 40.45
C SER A 44 -24.61 -12.96 40.38
N GLY A 45 -25.82 -13.51 40.29
CA GLY A 45 -25.96 -14.94 40.12
C GLY A 45 -26.12 -15.74 41.40
N PHE A 46 -26.24 -15.10 42.55
CA PHE A 46 -26.46 -15.75 43.84
C PHE A 46 -27.04 -14.74 44.81
N THR A 47 -27.61 -15.23 45.90
CA THR A 47 -28.12 -14.32 46.92
C THR A 47 -26.94 -13.69 47.65
N PHE A 48 -26.61 -12.43 47.32
CA PHE A 48 -25.36 -11.79 47.79
C PHE A 48 -25.28 -11.77 49.30
N SER A 49 -26.40 -11.50 49.96
CA SER A 49 -26.34 -11.27 51.39
C SER A 49 -26.22 -12.55 52.18
N ASN A 50 -26.21 -13.71 51.53
CA ASN A 50 -26.07 -14.97 52.26
C ASN A 50 -24.63 -15.38 52.38
N TYR A 51 -23.69 -14.69 51.73
CA TYR A 51 -22.32 -15.16 51.69
C TYR A 51 -21.29 -14.09 52.06
N GLY A 52 -20.25 -14.50 52.78
CA GLY A 52 -19.09 -13.65 52.97
C GLY A 52 -18.34 -13.42 51.68
N MET A 53 -17.57 -12.32 51.65
CA MET A 53 -16.77 -11.98 50.47
C MET A 53 -15.35 -11.68 50.90
N ALA A 54 -14.42 -11.78 49.95
CA ALA A 54 -13.01 -11.65 50.29
C ALA A 54 -12.23 -11.01 49.15
N TRP A 55 -11.05 -10.50 49.51
CA TRP A 55 -10.06 -10.04 48.53
C TRP A 55 -8.79 -10.81 48.74
N VAL A 56 -8.13 -11.22 47.62
CA VAL A 56 -6.87 -12.00 47.65
C VAL A 56 -5.98 -11.39 46.57
N ARG A 57 -4.70 -11.17 46.87
CA ARG A 57 -3.83 -10.58 45.84
C ARG A 57 -2.74 -11.55 45.43
N GLN A 58 -2.12 -11.26 44.26
CA GLN A 58 -1.10 -12.15 43.73
C GLN A 58 0.03 -11.33 43.15
N THR A 59 1.27 -11.83 43.38
CA THR A 59 2.48 -11.32 42.75
C THR A 59 3.26 -12.51 42.24
N PRO A 60 3.94 -12.38 41.09
CA PRO A 60 4.62 -13.56 40.51
C PRO A 60 5.61 -14.17 41.48
N THR A 61 6.11 -13.38 42.43
CA THR A 61 7.10 -13.80 43.41
C THR A 61 6.47 -14.45 44.64
N LYS A 62 5.33 -13.97 45.12
CA LYS A 62 4.82 -14.33 46.44
C LYS A 62 3.51 -15.13 46.45
N GLY A 63 2.95 -15.48 45.28
CA GLY A 63 1.76 -16.37 45.14
C GLY A 63 0.51 -15.66 45.65
N LEU A 64 -0.53 -16.46 45.96
CA LEU A 64 -1.78 -15.90 46.50
C LEU A 64 -1.59 -15.46 47.94
N GLU A 65 -2.10 -14.29 48.28
CA GLU A 65 -2.01 -13.74 49.65
C GLU A 65 -3.38 -13.17 50.02
N TRP A 66 -4.01 -13.74 51.07
CA TRP A 66 -5.27 -13.20 51.53
C TRP A 66 -5.12 -11.81 52.16
N ILE A 67 -6.02 -10.92 51.75
CA ILE A 67 -5.96 -9.50 52.15
C ILE A 67 -7.09 -9.16 53.16
N ALA A 68 -8.33 -9.54 52.86
CA ALA A 68 -9.43 -9.13 53.73
C ALA A 68 -10.65 -9.99 53.48
N SER A 69 -11.45 -10.20 54.56
CA SER A 69 -12.76 -10.82 54.41
C SER A 69 -13.82 -10.03 55.15
N ILE A 70 -15.08 -10.19 54.69
CA ILE A 70 -16.20 -9.58 55.38
C ILE A 70 -17.33 -10.60 55.51
N SER A 71 -17.98 -10.61 56.69
CA SER A 71 -19.14 -11.47 56.94
C SER A 71 -20.29 -11.16 55.99
N ALA A 72 -21.17 -12.17 55.84
CA ALA A 72 -22.37 -12.03 55.02
C ALA A 72 -23.16 -10.79 55.40
N GLY A 73 -23.45 -10.62 56.69
CA GLY A 73 -24.19 -9.48 57.18
C GLY A 73 -23.43 -8.20 57.21
N GLY A 74 -22.13 -8.20 56.89
CA GLY A 74 -21.43 -6.94 56.83
C GLY A 74 -20.81 -6.40 58.12
N ASP A 75 -21.08 -6.99 59.28
CA ASP A 75 -20.69 -6.29 60.51
C ASP A 75 -19.46 -6.88 61.15
N LYS A 76 -18.76 -7.81 60.48
CA LYS A 76 -17.48 -8.33 60.99
C LYS A 76 -16.49 -8.31 59.84
N THR A 77 -15.26 -7.81 60.08
CA THR A 77 -14.22 -7.79 59.07
C THR A 77 -12.96 -8.41 59.61
N TYR A 78 -12.13 -8.91 58.69
CA TYR A 78 -10.87 -9.58 59.04
C TYR A 78 -9.83 -9.16 58.04
N TYR A 79 -8.59 -9.03 58.51
CA TYR A 79 -7.52 -8.54 57.64
C TYR A 79 -6.25 -9.40 57.74
N GLY A 80 -5.59 -9.55 56.60
CA GLY A 80 -4.27 -10.18 56.53
C GLY A 80 -3.15 -9.36 57.17
N ASP A 81 -2.06 -10.08 57.49
CA ASP A 81 -0.92 -9.52 58.19
C ASP A 81 -0.31 -8.32 57.45
N SER A 82 -0.32 -8.34 56.14
CA SER A 82 0.36 -7.26 55.41
C SER A 82 -0.45 -5.98 55.36
N VAL A 83 -1.69 -5.99 55.81
CA VAL A 83 -2.54 -4.82 55.69
C VAL A 83 -2.15 -3.81 56.76
N LYS A 84 -1.87 -4.30 57.98
CA LYS A 84 -1.35 -3.45 59.06
C LYS A 84 -2.21 -2.21 59.29
N GLY A 85 -3.54 -2.41 59.33
CA GLY A 85 -4.41 -1.31 59.70
C GLY A 85 -4.56 -0.22 58.63
N ARG A 86 -4.23 -0.53 57.41
CA ARG A 86 -4.28 0.46 56.30
C ARG A 86 -5.46 0.28 55.38
N PHE A 87 -6.09 -0.87 55.36
CA PHE A 87 -7.18 -1.13 54.43
C PHE A 87 -8.48 -1.33 55.17
N SER A 88 -9.60 -1.11 54.47
CA SER A 88 -10.92 -1.39 55.01
C SER A 88 -11.78 -2.07 53.96
N ILE A 89 -12.39 -3.19 54.33
CA ILE A 89 -13.34 -3.85 53.46
C ILE A 89 -14.78 -3.53 53.89
N SER A 90 -15.67 -3.32 52.90
CA SER A 90 -17.06 -2.96 53.19
C SER A 90 -17.94 -3.60 52.13
N ARG A 91 -19.26 -3.62 52.36
CA ARG A 91 -20.17 -4.12 51.34
C ARG A 91 -21.44 -3.29 51.36
N ASP A 92 -22.12 -3.28 50.23
CA ASP A 92 -23.38 -2.52 50.08
C ASP A 92 -24.34 -3.55 49.52
N ASN A 93 -25.10 -4.19 50.39
CA ASN A 93 -25.94 -5.28 49.95
C ASN A 93 -27.01 -4.79 48.95
N ALA A 94 -27.50 -3.56 49.12
CA ALA A 94 -28.48 -3.02 48.16
C ALA A 94 -27.93 -2.95 46.74
N LYS A 95 -26.63 -2.74 46.57
CA LYS A 95 -26.01 -2.66 45.26
C LYS A 95 -25.27 -3.93 44.90
N THR A 96 -25.37 -4.98 45.74
CA THR A 96 -24.76 -6.28 45.51
C THR A 96 -23.28 -6.13 45.13
N THR A 97 -22.61 -5.23 45.84
CA THR A 97 -21.20 -4.92 45.61
C THR A 97 -20.39 -4.92 46.91
N HIS A 98 -19.11 -5.32 46.82
CA HIS A 98 -18.28 -5.03 47.97
C HIS A 98 -17.02 -4.29 47.51
N TYR A 99 -16.29 -3.78 48.48
CA TYR A 99 -15.24 -2.77 48.26
C TYR A 99 -14.02 -3.00 49.11
N LEU A 100 -12.85 -2.65 48.58
CA LEU A 100 -11.61 -2.66 49.35
C LEU A 100 -10.99 -1.28 49.24
N GLN A 101 -11.03 -0.53 50.34
CA GLN A 101 -10.44 0.81 50.40
C GLN A 101 -9.01 0.65 50.87
N MET A 102 -8.05 1.02 50.02
CA MET A 102 -6.64 0.73 50.25
CA MET A 102 -6.65 0.74 50.30
C MET A 102 -5.94 2.06 50.53
N ASP A 103 -5.53 2.31 51.76
CA ASP A 103 -4.92 3.60 52.13
C ASP A 103 -3.42 3.41 52.31
N SER A 104 -2.69 4.55 52.32
CA SER A 104 -1.27 4.49 52.69
C SER A 104 -0.48 3.50 51.84
N LEU A 105 -0.69 3.56 50.51
CA LEU A 105 -0.17 2.49 49.66
C LEU A 105 1.33 2.60 49.47
N ARG A 106 1.95 1.44 49.26
CA ARG A 106 3.40 1.34 49.14
C ARG A 106 3.73 0.49 47.91
N SER A 107 4.99 0.57 47.50
CA SER A 107 5.43 -0.22 46.35
C SER A 107 5.09 -1.69 46.47
N GLU A 108 5.19 -2.25 47.69
CA GLU A 108 4.96 -3.66 47.93
C GLU A 108 3.50 -4.04 47.73
N ASP A 109 2.62 -3.07 47.61
CA ASP A 109 1.22 -3.37 47.34
C ASP A 109 0.93 -3.54 45.86
N THR A 110 1.90 -3.33 44.96
CA THR A 110 1.67 -3.59 43.53
C THR A 110 1.35 -5.06 43.33
N ALA A 111 0.23 -5.36 42.67
CA ALA A 111 -0.22 -6.77 42.59
C ALA A 111 -1.45 -6.84 41.70
N THR A 112 -1.85 -8.04 41.35
CA THR A 112 -3.20 -8.30 40.84
C THR A 112 -4.10 -8.60 42.04
N TYR A 113 -5.26 -7.95 42.10
CA TYR A 113 -6.21 -8.11 43.21
C TYR A 113 -7.46 -8.85 42.71
N TYR A 114 -7.80 -9.98 43.33
CA TYR A 114 -8.98 -10.76 42.99
C TYR A 114 -10.05 -10.56 44.06
N CYS A 115 -11.30 -10.44 43.64
CA CYS A 115 -12.33 -10.66 44.63
C CYS A 115 -12.78 -12.11 44.59
N ALA A 116 -13.31 -12.59 45.73
CA ALA A 116 -13.71 -14.01 45.80
C ALA A 116 -14.99 -14.12 46.61
N LYS A 117 -15.90 -15.00 46.19
CA LYS A 117 -17.06 -15.35 46.98
C LYS A 117 -16.67 -16.48 47.94
N THR A 118 -17.22 -16.50 49.14
CA THR A 118 -16.97 -17.65 50.00
C THR A 118 -18.19 -18.55 50.05
N SER A 119 -17.93 -19.81 50.34
CA SER A 119 -18.98 -20.75 50.71
C SER A 119 -18.56 -21.38 52.04
N ARG A 120 -18.69 -20.63 53.13
CA ARG A 120 -18.41 -21.08 54.50
C ARG A 120 -16.92 -21.25 54.79
N VAL A 121 -16.25 -22.12 54.04
CA VAL A 121 -14.93 -22.67 54.36
CA VAL A 121 -14.87 -22.50 54.41
C VAL A 121 -13.93 -22.49 53.20
N TYR A 122 -14.44 -22.16 52.02
CA TYR A 122 -13.58 -22.07 50.82
C TYR A 122 -14.07 -20.96 49.89
N PHE A 123 -13.26 -20.64 48.89
CA PHE A 123 -13.64 -19.62 47.89
C PHE A 123 -14.20 -20.35 46.69
N ASP A 124 -15.54 -20.26 46.47
CA ASP A 124 -16.10 -21.08 45.37
C ASP A 124 -16.00 -20.39 44.01
N TYR A 125 -15.88 -19.05 43.95
CA TYR A 125 -15.76 -18.37 42.68
C TYR A 125 -14.83 -17.20 42.86
N TRP A 126 -14.03 -16.92 41.82
CA TRP A 126 -13.06 -15.81 41.82
C TRP A 126 -13.38 -14.86 40.67
N GLY A 127 -13.16 -13.55 40.90
CA GLY A 127 -13.26 -12.54 39.86
C GLY A 127 -12.10 -12.62 38.84
N GLN A 128 -12.11 -11.72 37.86
CA GLN A 128 -11.08 -11.74 36.81
C GLN A 128 -9.77 -11.11 37.24
N GLY A 129 -9.79 -10.35 38.33
CA GLY A 129 -8.58 -9.71 38.83
C GLY A 129 -8.42 -8.34 38.18
N VAL A 130 -7.94 -7.36 38.94
CA VAL A 130 -7.53 -6.06 38.41
C VAL A 130 -6.10 -5.75 38.90
N MET A 131 -5.32 -5.10 38.06
CA MET A 131 -3.93 -4.74 38.40
C MET A 131 -3.94 -3.41 39.15
N VAL A 132 -3.15 -3.33 40.22
CA VAL A 132 -2.83 -2.12 40.96
C VAL A 132 -1.31 -1.90 40.87
N THR A 133 -0.88 -0.73 40.39
CA THR A 133 0.55 -0.41 40.32
C THR A 133 0.81 0.80 41.21
N VAL A 134 1.69 0.66 42.22
CA VAL A 134 2.01 1.76 43.11
C VAL A 134 3.37 2.28 42.70
N SER A 135 3.41 3.50 42.16
CA SER A 135 4.62 4.08 41.58
C SER A 135 4.53 5.58 41.54
N SER A 136 5.68 6.24 41.59
CA SER A 136 5.79 7.70 41.41
C SER A 136 5.76 8.14 39.96
N ALA A 137 5.85 7.21 39.03
CA ALA A 137 5.89 7.54 37.62
C ALA A 137 4.50 7.88 37.07
N GLU A 138 4.45 8.84 36.15
CA GLU A 138 3.16 9.19 35.58
C GLU A 138 2.75 8.18 34.49
N THR A 139 1.46 8.18 34.18
CA THR A 139 0.97 7.44 33.04
C THR A 139 1.61 7.92 31.73
N THR A 140 2.04 7.00 30.89
CA THR A 140 2.54 7.32 29.55
C THR A 140 1.79 6.48 28.51
N ALA A 141 1.21 7.16 27.51
CA ALA A 141 0.46 6.43 26.51
C ALA A 141 1.42 5.89 25.46
N PRO A 142 1.11 4.73 24.86
CA PRO A 142 2.00 4.13 23.87
C PRO A 142 1.94 4.88 22.55
N SER A 143 3.02 4.78 21.80
CA SER A 143 3.02 5.09 20.37
C SER A 143 2.77 3.77 19.66
N VAL A 144 1.90 3.76 18.63
CA VAL A 144 1.55 2.51 17.93
C VAL A 144 1.98 2.61 16.47
N TYR A 145 2.73 1.60 16.01
CA TYR A 145 3.38 1.59 14.69
C TYR A 145 3.02 0.29 13.98
N PRO A 146 2.58 0.38 12.71
CA PRO A 146 2.28 -0.85 11.95
C PRO A 146 3.58 -1.52 11.55
N LEU A 147 3.52 -2.86 11.48
CA LEU A 147 4.65 -3.69 11.09
C LEU A 147 4.25 -4.51 9.88
N ALA A 148 4.95 -4.30 8.77
CA ALA A 148 4.69 -5.01 7.53
C ALA A 148 5.98 -5.66 7.08
N PRO A 149 5.91 -6.78 6.36
CA PRO A 149 7.09 -7.46 5.77
C PRO A 149 7.99 -6.52 4.95
N SER A 157 0.45 -17.88 -0.48
CA SER A 157 1.04 -18.25 0.82
C SER A 157 0.51 -17.40 2.00
N MET A 158 1.18 -17.51 3.13
CA MET A 158 0.76 -16.83 4.35
C MET A 158 1.60 -15.58 4.55
N VAL A 159 1.03 -14.57 5.22
CA VAL A 159 1.81 -13.39 5.61
C VAL A 159 1.56 -13.06 7.07
N THR A 160 2.61 -12.66 7.77
CA THR A 160 2.48 -12.22 9.16
C THR A 160 2.67 -10.71 9.26
N LEU A 161 1.68 -10.02 9.81
CA LEU A 161 1.68 -8.59 10.05
C LEU A 161 1.75 -8.31 11.55
N GLY A 162 2.10 -7.08 11.91
CA GLY A 162 2.29 -6.82 13.34
C GLY A 162 1.92 -5.40 13.71
N CYS A 163 1.93 -5.17 15.03
CA CYS A 163 1.76 -3.83 15.55
CA CYS A 163 1.62 -3.89 15.65
C CYS A 163 2.66 -3.69 16.76
N LEU A 164 3.52 -2.65 16.69
CA LEU A 164 4.45 -2.35 17.77
C LEU A 164 3.78 -1.35 18.70
N VAL A 165 3.66 -1.68 20.00
CA VAL A 165 3.01 -0.81 20.99
C VAL A 165 4.12 -0.33 21.94
N LYS A 166 4.64 0.87 21.69
CA LYS A 166 5.96 1.30 22.18
C LYS A 166 5.84 2.33 23.30
N GLY A 167 6.55 2.08 24.40
CA GLY A 167 6.76 3.11 25.42
C GLY A 167 5.58 3.53 26.28
N TYR A 168 4.91 2.58 26.90
CA TYR A 168 3.74 2.87 27.72
C TYR A 168 3.96 2.53 29.19
N PHE A 169 3.13 3.14 30.03
CA PHE A 169 3.13 2.80 31.47
C PHE A 169 1.79 3.19 32.10
N PRO A 170 1.20 2.35 32.97
CA PRO A 170 1.66 1.04 33.43
C PRO A 170 1.08 -0.06 32.50
N GLU A 171 1.31 -1.35 32.80
CA GLU A 171 0.50 -2.43 32.18
C GLU A 171 -0.95 -2.29 32.68
N PRO A 172 -1.92 -2.87 31.95
CA PRO A 172 -1.82 -3.62 30.71
C PRO A 172 -2.21 -2.80 29.49
N VAL A 173 -1.98 -3.40 28.32
CA VAL A 173 -2.63 -2.98 27.08
C VAL A 173 -3.34 -4.20 26.49
N THR A 174 -4.29 -3.95 25.62
CA THR A 174 -4.89 -5.03 24.85
C THR A 174 -4.82 -4.70 23.36
N VAL A 175 -4.69 -5.75 22.54
CA VAL A 175 -4.58 -5.64 21.10
C VAL A 175 -5.50 -6.66 20.45
N THR A 176 -6.34 -6.22 19.53
CA THR A 176 -7.13 -7.12 18.70
C THR A 176 -6.92 -6.76 17.24
N TRP A 177 -7.50 -7.56 16.37
CA TRP A 177 -7.27 -7.44 14.93
C TRP A 177 -8.60 -7.46 14.18
N ASN A 178 -8.85 -6.44 13.35
CA ASN A 178 -10.12 -6.27 12.65
C ASN A 178 -11.30 -6.37 13.63
N SER A 179 -11.14 -5.69 14.75
CA SER A 179 -12.17 -5.58 15.78
C SER A 179 -12.61 -6.96 16.26
N GLY A 180 -11.70 -7.94 16.21
CA GLY A 180 -12.01 -9.30 16.60
C GLY A 180 -12.44 -10.22 15.48
N ALA A 181 -12.47 -9.74 14.25
CA ALA A 181 -12.88 -10.58 13.13
C ALA A 181 -11.78 -11.52 12.70
N LEU A 182 -10.54 -11.12 12.94
CA LEU A 182 -9.36 -11.95 12.79
C LEU A 182 -9.02 -12.52 14.16
N SER A 183 -9.36 -13.77 14.40
CA SER A 183 -9.07 -14.32 15.71
C SER A 183 -8.01 -15.40 15.71
N SER A 184 -7.96 -16.25 14.69
CA SER A 184 -6.91 -17.24 14.72
C SER A 184 -5.64 -16.65 14.11
N GLY A 185 -4.52 -17.25 14.46
CA GLY A 185 -3.23 -16.70 14.03
C GLY A 185 -2.73 -15.49 14.78
N VAL A 186 -3.33 -15.13 15.91
CA VAL A 186 -2.91 -13.94 16.66
C VAL A 186 -1.97 -14.35 17.79
N HIS A 187 -0.80 -13.70 17.88
CA HIS A 187 0.08 -13.89 19.02
C HIS A 187 0.36 -12.51 19.62
N THR A 188 0.02 -12.29 20.89
CA THR A 188 0.41 -11.04 21.52
C THR A 188 1.51 -11.35 22.53
N PHE A 189 2.74 -10.70 22.33
CA PHE A 189 3.95 -11.13 23.01
C PHE A 189 4.11 -10.36 24.32
N PRO A 190 4.50 -11.03 25.41
CA PRO A 190 4.71 -10.31 26.68
C PRO A 190 5.70 -9.17 26.51
N ALA A 191 5.43 -8.07 27.23
CA ALA A 191 6.17 -6.85 27.04
C ALA A 191 7.58 -6.92 27.64
N VAL A 192 8.48 -6.05 27.10
CA VAL A 192 9.79 -5.80 27.69
C VAL A 192 9.66 -4.50 28.48
N LEU A 193 10.50 -4.33 29.49
CA LEU A 193 10.50 -3.11 30.29
C LEU A 193 11.90 -2.53 30.23
N GLN A 194 12.01 -1.27 29.79
CA GLN A 194 13.27 -0.58 29.67
C GLN A 194 13.09 0.88 30.02
N SER A 195 13.93 1.39 30.92
CA SER A 195 13.92 2.80 31.30
C SER A 195 12.56 3.21 31.81
N GLY A 196 11.86 2.30 32.46
CA GLY A 196 10.59 2.65 33.06
C GLY A 196 9.36 2.56 32.16
N LEU A 197 9.49 2.14 30.90
CA LEU A 197 8.37 2.08 29.98
C LEU A 197 8.26 0.69 29.40
N TYR A 198 7.05 0.27 29.09
CA TYR A 198 6.85 -1.06 28.49
C TYR A 198 6.75 -0.95 26.97
N THR A 199 7.16 -2.00 26.29
CA THR A 199 7.00 -2.13 24.85
C THR A 199 6.61 -3.55 24.54
N LEU A 200 5.63 -3.74 23.65
CA LEU A 200 5.31 -5.11 23.20
C LEU A 200 4.97 -5.08 21.73
N THR A 201 4.85 -6.29 21.14
CA THR A 201 4.38 -6.45 19.76
C THR A 201 3.26 -7.49 19.77
N SER A 202 2.25 -7.27 18.94
CA SER A 202 1.29 -8.31 18.60
C SER A 202 1.45 -8.62 17.12
N SER A 203 1.26 -9.89 16.76
CA SER A 203 1.27 -10.27 15.33
C SER A 203 0.01 -11.03 14.98
N VAL A 204 -0.34 -11.03 13.69
CA VAL A 204 -1.44 -11.81 13.15
C VAL A 204 -0.97 -12.42 11.86
N THR A 205 -1.30 -13.69 11.65
CA THR A 205 -0.95 -14.39 10.43
C THR A 205 -2.21 -14.66 9.62
N VAL A 206 -2.20 -14.22 8.36
CA VAL A 206 -3.38 -14.34 7.50
C VAL A 206 -2.92 -14.87 6.13
N PRO A 207 -3.85 -15.42 5.35
CA PRO A 207 -3.53 -15.73 3.94
C PRO A 207 -3.26 -14.46 3.16
N SER A 208 -2.35 -14.56 2.18
CA SER A 208 -2.02 -13.41 1.33
C SER A 208 -3.28 -12.74 0.80
N SER A 209 -4.25 -13.56 0.39
CA SER A 209 -5.49 -13.07 -0.19
C SER A 209 -6.25 -12.12 0.74
N THR A 210 -6.14 -12.33 2.05
CA THR A 210 -6.82 -11.44 3.00
C THR A 210 -6.30 -10.01 2.89
N TRP A 211 -4.98 -9.86 2.91
CA TRP A 211 -4.37 -8.53 2.87
C TRP A 211 -4.60 -7.86 1.51
N SER A 212 -4.69 -8.63 0.44
CA SER A 212 -4.94 -8.01 -0.86
C SER A 212 -6.43 -7.75 -1.10
N SER A 213 -7.31 -8.38 -0.32
CA SER A 213 -8.76 -8.25 -0.44
C SER A 213 -9.37 -7.22 0.48
N GLN A 214 -8.76 -6.95 1.63
CA GLN A 214 -9.33 -6.04 2.61
C GLN A 214 -8.24 -5.52 3.51
N ALA A 215 -8.53 -4.40 4.17
CA ALA A 215 -7.54 -3.85 5.07
C ALA A 215 -7.43 -4.74 6.31
N VAL A 216 -6.22 -4.76 6.88
CA VAL A 216 -5.95 -5.41 8.16
C VAL A 216 -5.58 -4.32 9.13
N THR A 217 -6.30 -4.23 10.25
CA THR A 217 -6.15 -3.18 11.25
C THR A 217 -5.86 -3.79 12.62
N CYS A 218 -4.91 -3.21 13.36
CA CYS A 218 -4.77 -3.58 14.76
C CYS A 218 -5.48 -2.54 15.61
N ASN A 219 -6.10 -2.98 16.71
CA ASN A 219 -6.84 -2.09 17.58
C ASN A 219 -6.16 -2.18 18.94
N VAL A 220 -5.50 -1.11 19.35
CA VAL A 220 -4.74 -1.08 20.59
C VAL A 220 -5.49 -0.24 21.62
N ALA A 221 -5.64 -0.76 22.82
CA ALA A 221 -6.19 0.01 23.96
C ALA A 221 -5.22 0.03 25.12
N HIS A 222 -5.06 1.21 25.74
CA HIS A 222 -4.27 1.40 26.95
C HIS A 222 -5.19 2.12 27.92
N PRO A 223 -5.92 1.37 28.78
CA PRO A 223 -6.92 2.00 29.66
C PRO A 223 -6.36 3.07 30.57
N ALA A 224 -5.15 2.87 31.12
CA ALA A 224 -4.62 3.82 32.09
C ALA A 224 -4.53 5.21 31.52
N SER A 225 -4.32 5.33 30.21
CA SER A 225 -4.25 6.64 29.53
C SER A 225 -5.44 6.90 28.62
N SER A 226 -6.52 6.11 28.74
CA SER A 226 -7.72 6.31 27.92
C SER A 226 -7.34 6.37 26.45
N THR A 227 -6.35 5.58 26.05
CA THR A 227 -5.89 5.54 24.67
C THR A 227 -6.59 4.41 23.92
N LYS A 228 -7.17 4.72 22.74
CA LYS A 228 -7.68 3.70 21.82
C LYS A 228 -7.24 4.06 20.41
N VAL A 229 -6.52 3.18 19.74
CA VAL A 229 -5.88 3.51 18.47
C VAL A 229 -6.09 2.36 17.50
N ASP A 230 -6.45 2.69 16.25
CA ASP A 230 -6.60 1.75 15.15
C ASP A 230 -5.53 2.07 14.12
N LYS A 231 -4.79 1.07 13.68
CA LYS A 231 -3.74 1.26 12.67
C LYS A 231 -3.95 0.24 11.55
N LYS A 232 -4.17 0.74 10.33
CA LYS A 232 -4.12 -0.14 9.17
C LYS A 232 -2.67 -0.51 8.84
N ILE A 233 -2.47 -1.77 8.43
CA ILE A 233 -1.15 -2.25 8.01
C ILE A 233 -0.92 -1.98 6.52
N VAL A 234 0.04 -1.12 6.21
CA VAL A 234 0.37 -0.71 4.85
C VAL A 234 1.66 -1.42 4.42
N PRO A 235 1.71 -2.05 3.26
CA PRO A 235 2.91 -2.77 2.79
C PRO A 235 4.23 -1.99 2.68
N PCA B 20 -1.11 -17.31 60.67
N PCA B 20 -1.69 -18.20 61.38
CA PCA B 20 -1.08 -18.25 61.82
CA PCA B 20 -0.60 -18.36 62.31
CB PCA B 20 -2.52 -18.65 62.11
CB PCA B 20 -1.12 -18.85 63.66
CG PCA B 20 -3.38 -18.32 60.87
CG PCA B 20 -2.57 -19.26 63.47
CD PCA B 20 -2.50 -17.34 60.13
CD PCA B 20 -2.86 -18.72 62.08
OE PCA B 20 -2.96 -16.64 59.18
OE PCA B 20 -3.97 -18.73 61.53
C PCA B 20 -0.15 -19.52 61.89
C PCA B 20 0.38 -19.38 61.78
O PCA B 20 0.27 -19.94 62.92
O PCA B 20 1.48 -19.42 62.29
N PHE B 21 0.01 -20.16 60.74
CA PHE B 21 0.87 -21.30 60.38
C PHE B 21 1.23 -21.02 58.92
N VAL B 22 2.14 -21.84 58.39
CA VAL B 22 2.45 -21.81 56.95
C VAL B 22 2.04 -23.14 56.36
N LEU B 23 1.76 -23.10 55.06
CA LEU B 23 1.53 -24.31 54.28
C LEU B 23 2.64 -24.42 53.25
N THR B 24 3.35 -25.55 53.27
CA THR B 24 4.50 -25.71 52.38
C THR B 24 4.17 -26.68 51.25
N GLN B 25 4.38 -26.23 50.01
CA GLN B 25 4.19 -27.02 48.80
C GLN B 25 5.49 -27.05 48.02
N PRO B 26 5.82 -28.15 47.33
CA PRO B 26 6.98 -28.12 46.43
C PRO B 26 6.76 -27.07 45.34
N ASN B 27 7.83 -26.37 44.96
CA ASN B 27 7.65 -25.29 43.98
C ASN B 27 7.24 -25.84 42.60
N SER B 28 7.78 -26.98 42.19
CA SER B 28 7.44 -27.47 40.85
C SER B 28 7.48 -28.99 40.84
N VAL B 29 6.61 -29.59 40.03
CA VAL B 29 6.63 -31.04 39.81
C VAL B 29 6.52 -31.27 38.31
N SER B 30 7.27 -32.25 37.79
CA SER B 30 7.14 -32.69 36.40
C SER B 30 6.58 -34.11 36.34
N THR B 31 5.77 -34.39 35.31
CA THR B 31 5.22 -35.72 35.21
C THR B 31 4.81 -36.00 33.77
N ASN B 32 4.61 -37.28 33.46
CA ASN B 32 4.37 -37.67 32.08
C ASN B 32 2.88 -37.79 31.82
N LEU B 33 2.51 -37.80 30.55
CA LEU B 33 1.12 -38.03 30.17
C LEU B 33 0.60 -39.37 30.69
N GLY B 34 -0.58 -39.34 31.31
CA GLY B 34 -1.21 -40.54 31.82
C GLY B 34 -0.68 -41.04 33.15
N SER B 35 0.31 -40.37 33.73
CA SER B 35 0.91 -40.79 34.99
C SER B 35 0.02 -40.33 36.16
N THR B 36 0.40 -40.70 37.37
CA THR B 36 -0.25 -40.20 38.60
C THR B 36 0.71 -39.33 39.39
N VAL B 37 0.23 -38.19 39.91
CA VAL B 37 1.06 -37.34 40.75
C VAL B 37 0.30 -37.03 42.00
N LYS B 38 1.05 -36.90 43.08
CA LYS B 38 0.53 -36.57 44.39
C LYS B 38 1.22 -35.27 44.79
N LEU B 39 0.44 -34.22 44.92
CA LEU B 39 0.95 -32.91 45.26
C LEU B 39 0.71 -32.65 46.76
N SER B 40 1.77 -32.37 47.51
CA SER B 40 1.63 -32.26 48.97
C SER B 40 1.57 -30.83 49.51
N CYS B 41 0.98 -30.72 50.70
CA CYS B 41 0.72 -29.40 51.29
C CYS B 41 0.86 -29.56 52.81
N LYS B 42 2.03 -29.18 53.39
CA LYS B 42 2.32 -29.56 54.79
C LYS B 42 2.03 -28.36 55.70
N ARG B 43 1.25 -28.56 56.79
CA ARG B 43 1.01 -27.49 57.76
C ARG B 43 2.13 -27.46 58.79
N SER B 44 2.68 -26.25 59.07
CA SER B 44 3.85 -26.20 59.95
C SER B 44 3.50 -26.45 61.43
N THR B 45 2.50 -25.76 61.94
CA THR B 45 2.11 -25.78 63.37
C THR B 45 0.59 -25.90 63.45
N GLY B 46 0.15 -26.68 64.44
CA GLY B 46 -1.25 -27.09 64.50
C GLY B 46 -1.48 -28.32 63.62
N ASN B 47 -2.56 -29.03 63.91
CA ASN B 47 -2.85 -30.27 63.18
CA ASN B 47 -2.91 -30.28 63.21
C ASN B 47 -3.57 -29.99 61.87
N ILE B 48 -3.10 -30.62 60.79
CA ILE B 48 -3.74 -30.45 59.46
C ILE B 48 -5.23 -30.73 59.46
N GLY B 49 -5.66 -31.69 60.27
CA GLY B 49 -7.07 -32.05 60.34
C GLY B 49 -7.96 -31.08 61.14
N SER B 50 -7.36 -30.08 61.80
CA SER B 50 -8.14 -29.18 62.68
C SER B 50 -8.95 -28.16 61.86
N ASN B 51 -8.57 -27.92 60.57
CA ASN B 51 -9.30 -26.96 59.70
C ASN B 51 -9.28 -27.50 58.29
N TYR B 52 -10.40 -27.36 57.56
CA TYR B 52 -10.47 -27.88 56.17
C TYR B 52 -9.35 -27.35 55.30
N VAL B 53 -8.97 -28.20 54.33
CA VAL B 53 -8.02 -27.82 53.28
C VAL B 53 -8.74 -27.83 51.95
N ASN B 54 -8.48 -26.78 51.16
CA ASN B 54 -9.07 -26.63 49.82
C ASN B 54 -7.94 -26.50 48.81
N TRP B 55 -8.27 -26.82 47.56
CA TRP B 55 -7.28 -26.77 46.47
C TRP B 55 -7.80 -25.99 45.27
N TYR B 56 -6.99 -25.08 44.72
CA TYR B 56 -7.33 -24.31 43.52
C TYR B 56 -6.33 -24.54 42.39
N GLN B 57 -6.84 -24.59 41.15
CA GLN B 57 -6.01 -24.65 39.95
C GLN B 57 -5.95 -23.26 39.36
N GLN B 58 -4.78 -22.83 38.93
CA GLN B 58 -4.69 -21.58 38.17
C GLN B 58 -3.83 -21.73 36.92
N HIS B 59 -4.46 -21.56 35.75
CA HIS B 59 -3.76 -21.53 34.48
C HIS B 59 -3.11 -20.16 34.33
N GLU B 60 -2.01 -20.13 33.60
CA GLU B 60 -1.25 -18.90 33.51
C GLU B 60 -2.12 -17.79 32.92
N GLY B 61 -2.11 -16.64 33.58
CA GLY B 61 -2.91 -15.54 33.08
C GLY B 61 -4.40 -15.65 33.33
N ARG B 62 -4.86 -16.59 34.15
CA ARG B 62 -6.28 -16.75 34.41
C ARG B 62 -6.50 -16.69 35.91
N SER B 63 -7.77 -16.58 36.30
CA SER B 63 -8.16 -16.66 37.68
C SER B 63 -8.15 -18.10 38.18
N PRO B 64 -8.03 -18.29 39.48
CA PRO B 64 -8.08 -19.65 40.05
C PRO B 64 -9.48 -20.24 39.95
N THR B 65 -9.55 -21.57 39.88
CA THR B 65 -10.83 -22.28 40.05
C THR B 65 -10.65 -23.39 41.06
N THR B 66 -11.76 -23.75 41.73
CA THR B 66 -11.72 -24.76 42.78
C THR B 66 -11.67 -26.19 42.22
N MET B 67 -10.69 -26.98 42.67
CA MET B 67 -10.62 -28.39 42.34
C MET B 67 -11.16 -29.28 43.46
N ILE B 68 -10.81 -28.94 44.69
CA ILE B 68 -11.22 -29.72 45.87
C ILE B 68 -11.59 -28.73 46.99
N TYR B 69 -12.69 -29.04 47.69
CA TYR B 69 -12.98 -28.28 48.90
C TYR B 69 -13.32 -29.24 50.06
N ARG B 70 -13.23 -28.75 51.29
CA ARG B 70 -13.56 -29.56 52.46
C ARG B 70 -12.79 -30.89 52.48
N ASP B 71 -11.47 -30.75 52.19
CA ASP B 71 -10.50 -31.85 52.16
C ASP B 71 -10.61 -32.75 50.94
N ASP B 72 -11.83 -33.20 50.58
CA ASP B 72 -11.94 -34.23 49.55
C ASP B 72 -13.18 -34.11 48.66
N LYS B 73 -13.88 -32.98 48.65
CA LYS B 73 -15.10 -32.85 47.85
C LYS B 73 -14.80 -32.18 46.50
N ARG B 74 -15.45 -32.67 45.41
CA ARG B 74 -15.22 -32.09 44.09
C ARG B 74 -16.40 -31.23 43.65
N PRO B 75 -16.19 -29.97 43.19
CA PRO B 75 -17.27 -29.25 42.51
C PRO B 75 -17.77 -29.99 41.30
N ASP B 76 -19.03 -29.75 40.96
CA ASP B 76 -19.55 -30.33 39.73
C ASP B 76 -18.76 -29.76 38.57
N GLY B 77 -18.34 -30.65 37.68
CA GLY B 77 -17.53 -30.28 36.53
C GLY B 77 -16.07 -30.67 36.64
N VAL B 78 -15.56 -30.87 37.84
CA VAL B 78 -14.15 -31.23 37.96
C VAL B 78 -14.02 -32.72 37.69
N PRO B 79 -13.06 -33.16 36.87
CA PRO B 79 -12.89 -34.59 36.61
C PRO B 79 -12.62 -35.40 37.87
N ASP B 80 -13.09 -36.65 37.85
CA ASP B 80 -12.82 -37.53 38.98
C ASP B 80 -11.39 -38.06 38.97
N ARG B 81 -10.60 -37.71 37.97
CA ARG B 81 -9.15 -37.90 38.08
C ARG B 81 -8.56 -37.15 39.25
N PHE B 82 -9.26 -36.14 39.77
CA PHE B 82 -8.77 -35.30 40.86
C PHE B 82 -9.34 -35.78 42.20
N SER B 83 -8.49 -35.95 43.22
CA SER B 83 -9.05 -36.35 44.51
C SER B 83 -8.18 -35.80 45.65
N GLY B 84 -8.81 -35.53 46.79
CA GLY B 84 -8.13 -34.88 47.92
C GLY B 84 -8.07 -35.86 49.09
N SER B 85 -7.00 -35.75 49.90
CA SER B 85 -6.95 -36.55 51.12
C SER B 85 -6.11 -35.81 52.16
N ILE B 86 -6.14 -36.34 53.40
CA ILE B 86 -5.38 -35.82 54.54
C ILE B 86 -4.50 -36.93 55.10
N ASP B 87 -3.20 -36.62 55.28
CA ASP B 87 -2.27 -37.62 55.82
C ASP B 87 -1.83 -37.11 57.20
N ARG B 88 -2.41 -37.71 58.25
CA ARG B 88 -2.09 -37.32 59.62
C ARG B 88 -0.60 -37.39 59.90
N SER B 89 0.06 -38.49 59.47
CA SER B 89 1.42 -38.78 59.94
C SER B 89 2.40 -37.74 59.48
N SER B 90 2.19 -37.15 58.30
CA SER B 90 3.06 -36.10 57.78
C SER B 90 2.47 -34.70 57.94
N ASN B 91 1.32 -34.58 58.63
CA ASN B 91 0.61 -33.29 58.87
C ASN B 91 0.39 -32.58 57.56
N SER B 92 -0.04 -33.34 56.53
CA SER B 92 -0.13 -32.79 55.16
C SER B 92 -1.44 -33.13 54.49
N ALA B 93 -1.87 -32.24 53.60
CA ALA B 93 -2.90 -32.55 52.63
C ALA B 93 -2.27 -32.94 51.29
N LEU B 94 -2.99 -33.77 50.54
CA LEU B 94 -2.54 -34.31 49.26
C LEU B 94 -3.62 -34.11 48.20
N LEU B 95 -3.23 -33.53 47.05
CA LEU B 95 -4.04 -33.57 45.84
C LEU B 95 -3.45 -34.63 44.90
N THR B 96 -4.21 -35.71 44.64
CA THR B 96 -3.79 -36.76 43.74
C THR B 96 -4.44 -36.50 42.37
N ILE B 97 -3.64 -36.53 41.31
CA ILE B 97 -4.14 -36.44 39.94
C ILE B 97 -3.75 -37.73 39.26
N ASN B 98 -4.74 -38.56 38.96
CA ASN B 98 -4.57 -39.77 38.15
C ASN B 98 -4.66 -39.43 36.66
N ASN B 99 -4.05 -40.29 35.83
CA ASN B 99 -4.20 -40.20 34.38
C ASN B 99 -4.01 -38.76 33.89
N VAL B 100 -2.84 -38.20 34.22
CA VAL B 100 -2.56 -36.79 34.01
C VAL B 100 -2.65 -36.44 32.54
N GLN B 101 -3.30 -35.32 32.25
CA GLN B 101 -3.54 -34.80 30.90
C GLN B 101 -2.75 -33.52 30.65
N THR B 102 -2.59 -33.17 29.36
CA THR B 102 -1.91 -31.93 29.02
C THR B 102 -2.62 -30.73 29.65
N GLU B 103 -3.95 -30.71 29.63
CA GLU B 103 -4.61 -29.53 30.25
C GLU B 103 -4.43 -29.45 31.77
N ASP B 104 -3.84 -30.42 32.43
CA ASP B 104 -3.61 -30.28 33.87
C ASP B 104 -2.38 -29.43 34.18
N GLU B 105 -1.58 -29.06 33.19
CA GLU B 105 -0.43 -28.20 33.44
C GLU B 105 -0.93 -26.84 33.93
N ALA B 106 -0.55 -26.47 35.15
CA ALA B 106 -1.16 -25.37 35.89
C ALA B 106 -0.40 -25.22 37.21
N ASP B 107 -0.65 -24.13 37.92
CA ASP B 107 -0.20 -23.94 39.31
C ASP B 107 -1.35 -24.35 40.25
N TYR B 108 -1.05 -25.20 41.25
CA TYR B 108 -2.04 -25.68 42.21
C TYR B 108 -1.73 -25.12 43.58
N PHE B 109 -2.69 -24.44 44.16
CA PHE B 109 -2.57 -23.80 45.47
C PHE B 109 -3.42 -24.51 46.51
N CYS B 110 -2.84 -24.86 47.66
CA CYS B 110 -3.67 -25.29 48.77
C CYS B 110 -3.98 -24.10 49.70
N HIS B 111 -5.04 -24.27 50.51
CA HIS B 111 -5.64 -23.19 51.33
C HIS B 111 -6.22 -23.77 52.61
N SER B 112 -5.86 -23.21 53.77
CA SER B 112 -6.60 -23.54 54.97
C SER B 112 -6.68 -22.26 55.83
N TYR B 113 -7.00 -22.44 57.12
CA TYR B 113 -7.30 -21.23 57.96
C TYR B 113 -7.27 -21.66 59.44
N SER B 114 -7.19 -20.65 60.33
CA SER B 114 -7.37 -20.90 61.79
CA SER B 114 -7.43 -20.90 61.77
C SER B 114 -7.80 -19.58 62.43
N SER B 115 -6.84 -18.63 62.44
CA SER B 115 -7.07 -17.23 62.87
C SER B 115 -6.50 -16.39 61.71
N GLY B 116 -7.16 -16.49 60.56
CA GLY B 116 -6.61 -15.95 59.34
C GLY B 116 -6.58 -17.02 58.28
N ILE B 117 -6.48 -16.60 57.02
CA ILE B 117 -6.50 -17.46 55.84
C ILE B 117 -5.07 -17.63 55.31
N VAL B 118 -4.65 -18.87 55.09
CA VAL B 118 -3.27 -19.24 54.72
C VAL B 118 -3.31 -19.94 53.35
N PHE B 119 -2.45 -19.50 52.45
CA PHE B 119 -2.26 -20.22 51.18
C PHE B 119 -0.89 -20.87 51.15
N GLY B 120 -0.79 -22.07 50.55
CA GLY B 120 0.52 -22.60 50.19
C GLY B 120 1.13 -21.78 49.06
N GLY B 121 2.43 -22.02 48.81
CA GLY B 121 3.11 -21.24 47.79
C GLY B 121 2.79 -21.58 46.37
N GLY B 122 2.10 -22.68 46.15
CA GLY B 122 1.74 -23.14 44.81
C GLY B 122 2.73 -24.17 44.30
N THR B 123 2.24 -25.22 43.65
CA THR B 123 3.13 -26.13 42.92
C THR B 123 2.86 -25.96 41.44
N LYS B 124 3.89 -25.65 40.64
CA LYS B 124 3.72 -25.61 39.20
C LYS B 124 3.90 -27.01 38.61
N LEU B 125 2.82 -27.57 38.07
CA LEU B 125 2.87 -28.90 37.45
C LEU B 125 3.13 -28.76 35.95
N THR B 126 4.17 -29.42 35.46
CA THR B 126 4.45 -29.51 34.04
C THR B 126 4.16 -30.94 33.57
N VAL B 127 3.54 -31.11 32.39
CA VAL B 127 3.30 -32.43 31.84
C VAL B 127 4.24 -32.61 30.67
N LEU B 128 5.09 -33.60 30.78
CA LEU B 128 6.12 -33.79 29.77
C LEU B 128 5.58 -34.62 28.62
N GLY B 129 6.41 -34.78 27.60
CA GLY B 129 6.06 -35.60 26.46
C GLY B 129 5.92 -34.84 25.18
N GLN B 130 5.87 -33.54 25.23
CA GLN B 130 5.73 -32.82 23.98
C GLN B 130 7.06 -32.85 23.27
N PRO B 131 7.06 -33.05 21.95
CA PRO B 131 8.34 -33.19 21.24
C PRO B 131 9.00 -31.84 21.07
N LYS B 132 10.33 -31.90 20.90
CA LYS B 132 11.10 -30.68 20.69
C LYS B 132 10.65 -29.98 19.41
N SER B 133 10.67 -28.65 19.44
CA SER B 133 10.26 -27.87 18.27
C SER B 133 11.21 -26.69 18.13
N THR B 134 11.78 -26.48 16.90
CA THR B 134 12.73 -25.40 16.76
C THR B 134 12.00 -24.07 16.54
N PRO B 135 12.58 -22.95 16.98
CA PRO B 135 11.89 -21.64 16.83
C PRO B 135 11.65 -21.27 15.37
N THR B 136 10.54 -20.56 15.16
CA THR B 136 10.25 -19.76 13.97
C THR B 136 10.56 -18.29 14.29
N LEU B 137 11.23 -17.59 13.36
CA LEU B 137 11.46 -16.18 13.55
C LEU B 137 10.67 -15.35 12.55
N THR B 138 10.22 -14.20 13.00
CA THR B 138 9.68 -13.17 12.13
C THR B 138 10.41 -11.89 12.48
N VAL B 139 10.94 -11.19 11.49
CA VAL B 139 11.59 -9.92 11.80
C VAL B 139 10.89 -8.77 11.07
N PHE B 140 10.87 -7.58 11.69
CA PHE B 140 10.24 -6.43 11.11
C PHE B 140 11.16 -5.22 11.17
N PRO B 141 11.24 -4.45 10.08
CA PRO B 141 12.03 -3.21 10.08
C PRO B 141 11.26 -2.09 10.79
N PRO B 142 11.94 -0.97 11.10
CA PRO B 142 11.22 0.22 11.53
C PRO B 142 10.17 0.71 10.54
N SER B 143 9.04 1.15 11.09
CA SER B 143 7.96 1.72 10.31
C SER B 143 8.36 3.11 9.82
N THR B 144 7.78 3.50 8.67
CA THR B 144 8.11 4.83 8.17
C THR B 144 7.66 5.88 9.17
N GLU B 145 6.56 5.60 9.89
CA GLU B 145 6.04 6.54 10.89
C GLU B 145 7.01 6.71 12.05
N GLU B 146 7.67 5.63 12.46
CA GLU B 146 8.64 5.76 13.54
C GLU B 146 9.89 6.49 13.06
N LEU B 147 10.30 6.23 11.82
CA LEU B 147 11.50 6.89 11.31
C LEU B 147 11.27 8.39 11.16
N GLN B 148 10.04 8.82 10.87
CA GLN B 148 9.73 10.26 10.87
C GLN B 148 10.15 10.93 12.17
N GLY B 149 10.04 10.21 13.26
CA GLY B 149 10.41 10.65 14.59
C GLY B 149 11.88 10.51 14.92
N ASN B 150 12.71 10.15 13.96
CA ASN B 150 14.15 9.92 14.13
C ASN B 150 14.49 8.74 15.01
N LYS B 151 13.59 7.77 15.15
CA LYS B 151 13.86 6.58 15.94
C LYS B 151 13.65 5.35 15.05
N ALA B 152 14.30 4.23 15.42
CA ALA B 152 14.09 2.99 14.68
C ALA B 152 14.15 1.82 15.66
N THR B 153 13.10 1.01 15.68
CA THR B 153 13.06 -0.18 16.51
C THR B 153 13.01 -1.39 15.60
N LEU B 154 14.01 -2.26 15.70
CA LEU B 154 13.96 -3.52 14.99
C LEU B 154 13.26 -4.55 15.87
N VAL B 155 12.35 -5.34 15.29
CA VAL B 155 11.49 -6.30 16.01
C VAL B 155 11.83 -7.73 15.60
N CYS B 156 12.08 -8.60 16.58
CA CYS B 156 12.27 -10.03 16.32
C CYS B 156 11.25 -10.82 17.14
N LEU B 157 10.35 -11.55 16.45
CA LEU B 157 9.33 -12.40 17.10
C LEU B 157 9.77 -13.85 17.01
N ILE B 158 9.81 -14.55 18.13
CA ILE B 158 10.35 -15.91 18.21
C ILE B 158 9.20 -16.80 18.69
N SER B 159 8.81 -17.79 17.88
CA SER B 159 7.65 -18.58 18.25
C SER B 159 7.82 -20.07 17.94
N ASP B 160 6.84 -20.87 18.40
CA ASP B 160 6.69 -22.28 18.02
C ASP B 160 7.82 -23.16 18.53
N PHE B 161 8.39 -22.89 19.71
CA PHE B 161 9.55 -23.63 20.16
C PHE B 161 9.30 -24.33 21.50
N TYR B 162 9.96 -25.48 21.65
CA TYR B 162 9.87 -26.26 22.90
C TYR B 162 11.15 -27.07 22.97
N PRO B 163 11.83 -27.12 24.12
CA PRO B 163 11.54 -26.50 25.43
C PRO B 163 11.86 -25.01 25.42
N SER B 164 11.75 -24.38 26.59
CA SER B 164 11.75 -22.93 26.59
C SER B 164 13.13 -22.28 26.49
N ASP B 165 14.21 -23.01 26.76
CA ASP B 165 15.51 -22.34 26.89
C ASP B 165 16.00 -21.85 25.53
N VAL B 166 16.31 -20.55 25.44
CA VAL B 166 16.79 -19.91 24.22
C VAL B 166 17.77 -18.81 24.59
N GLU B 167 18.71 -18.56 23.69
CA GLU B 167 19.57 -17.38 23.74
C GLU B 167 19.26 -16.56 22.50
N VAL B 168 19.08 -15.26 22.66
CA VAL B 168 18.81 -14.34 21.57
C VAL B 168 19.97 -13.37 21.49
N ALA B 169 20.41 -13.07 20.26
CA ALA B 169 21.49 -12.11 19.99
C ALA B 169 21.25 -11.37 18.68
N TRP B 170 21.78 -10.13 18.59
CA TRP B 170 21.68 -9.29 17.39
C TRP B 170 23.05 -9.05 16.79
N LYS B 171 23.03 -8.70 15.50
CA LYS B 171 24.19 -8.39 14.67
C LYS B 171 23.86 -7.28 13.70
N ALA B 172 24.87 -6.48 13.37
CA ALA B 172 24.72 -5.30 12.54
C ALA B 172 25.86 -5.31 11.53
N ASN B 173 25.52 -5.20 10.24
CA ASN B 173 26.43 -5.50 9.14
C ASN B 173 27.27 -6.73 9.47
N GLY B 174 26.67 -7.74 10.10
CA GLY B 174 27.33 -8.99 10.38
C GLY B 174 28.00 -9.09 11.74
N ALA B 175 28.19 -7.96 12.46
CA ALA B 175 28.93 -7.99 13.71
C ALA B 175 27.99 -7.87 14.92
N PRO B 176 28.40 -8.38 16.10
CA PRO B 176 27.53 -8.32 17.28
C PRO B 176 27.17 -6.89 17.65
N ILE B 177 25.90 -6.70 18.04
CA ILE B 177 25.42 -5.43 18.58
C ILE B 177 24.60 -5.71 19.84
N SER B 178 25.08 -5.22 20.99
CA SER B 178 24.54 -5.52 22.32
C SER B 178 23.86 -4.33 22.99
N GLN B 179 24.51 -3.18 22.98
CA GLN B 179 23.84 -1.93 23.29
C GLN B 179 22.49 -1.85 22.60
N GLY B 180 21.46 -1.44 23.35
CA GLY B 180 20.17 -1.19 22.74
C GLY B 180 19.26 -2.39 22.62
N VAL B 181 19.63 -3.54 23.17
CA VAL B 181 18.84 -4.75 23.06
C VAL B 181 17.98 -4.96 24.31
N ASP B 182 16.71 -5.31 24.08
CA ASP B 182 15.74 -5.68 25.12
C ASP B 182 15.10 -7.00 24.73
N THR B 183 15.24 -8.03 25.55
CA THR B 183 14.71 -9.34 25.20
C THR B 183 13.78 -9.84 26.30
N ALA B 184 12.62 -10.35 25.91
CA ALA B 184 11.71 -10.91 26.92
C ALA B 184 12.05 -12.39 27.22
N ASN B 185 11.87 -12.83 28.48
CA ASN B 185 11.93 -14.27 28.75
C ASN B 185 10.79 -15.04 28.06
N PRO B 186 11.04 -16.28 27.65
CA PRO B 186 9.99 -17.08 26.99
C PRO B 186 8.79 -17.29 27.88
N THR B 187 7.62 -17.35 27.26
CA THR B 187 6.38 -17.61 27.96
C THR B 187 5.54 -18.62 27.19
N LYS B 188 4.73 -19.40 27.91
CA LYS B 188 3.99 -20.45 27.23
C LYS B 188 2.83 -19.84 26.47
N GLN B 189 2.60 -20.32 25.25
CA GLN B 189 1.38 -20.02 24.51
C GLN B 189 0.91 -21.32 23.87
N GLY B 190 -0.25 -21.79 24.29
CA GLY B 190 -0.64 -23.15 23.94
C GLY B 190 0.37 -24.15 24.42
N ASN B 191 0.70 -25.08 23.54
CA ASN B 191 1.62 -26.15 23.87
C ASN B 191 3.09 -25.77 23.65
N LYS B 192 3.38 -24.57 23.16
CA LYS B 192 4.75 -24.12 22.84
C LYS B 192 5.06 -22.79 23.53
N TYR B 193 6.27 -22.29 23.32
CA TYR B 193 6.72 -21.03 23.91
C TYR B 193 6.82 -19.94 22.84
N ILE B 194 6.76 -18.68 23.29
CA ILE B 194 7.08 -17.49 22.47
C ILE B 194 8.00 -16.56 23.25
N ALA B 195 8.72 -15.71 22.50
CA ALA B 195 9.56 -14.66 23.10
C ALA B 195 9.75 -13.58 22.03
N SER B 196 10.23 -12.42 22.44
CA SER B 196 10.44 -11.33 21.49
C SER B 196 11.70 -10.61 21.89
N SER B 197 12.33 -9.91 20.92
CA SER B 197 13.51 -9.11 21.19
C SER B 197 13.51 -7.83 20.33
N PHE B 198 13.98 -6.74 20.87
CA PHE B 198 14.00 -5.46 20.19
C PHE B 198 15.42 -4.89 20.17
N LEU B 199 15.80 -4.30 19.03
CA LEU B 199 17.09 -3.64 18.88
C LEU B 199 16.77 -2.17 18.62
N ARG B 200 17.11 -1.29 19.58
CA ARG B 200 16.87 0.14 19.41
C ARG B 200 18.08 0.82 18.79
N LEU B 201 17.84 1.57 17.71
CA LEU B 201 18.89 2.19 16.92
C LEU B 201 18.52 3.63 16.67
N THR B 202 19.54 4.44 16.35
CA THR B 202 19.28 5.72 15.74
C THR B 202 18.78 5.50 14.31
N ALA B 203 17.76 6.29 13.93
CA ALA B 203 17.27 6.31 12.55
C ALA B 203 18.41 6.47 11.56
N GLU B 204 19.37 7.32 11.89
CA GLU B 204 20.60 7.39 11.11
C GLU B 204 21.40 6.11 11.20
N GLN B 205 21.31 5.37 12.31
CA GLN B 205 22.06 4.12 12.42
C GLN B 205 21.45 3.05 11.53
N TRP B 206 20.15 3.09 11.38
CA TRP B 206 19.43 2.09 10.58
C TRP B 206 19.65 2.34 9.11
N ARG B 207 19.50 3.61 8.69
CA ARG B 207 19.58 3.95 7.28
C ARG B 207 20.96 3.72 6.77
N SER B 208 21.92 3.78 7.66
CA SER B 208 23.30 3.75 7.29
C SER B 208 23.84 2.33 7.17
N ARG B 209 23.25 1.36 7.84
CA ARG B 209 23.79 0.03 7.72
C ARG B 209 23.28 -0.65 6.46
N ASN B 210 23.96 -1.73 6.10
CA ASN B 210 23.46 -2.57 5.02
C ASN B 210 22.50 -3.60 5.55
N SER B 211 22.71 -4.09 6.77
CA SER B 211 21.82 -5.16 7.21
C SER B 211 21.82 -5.21 8.73
N PHE B 212 20.81 -5.88 9.29
CA PHE B 212 20.78 -6.22 10.70
C PHE B 212 20.20 -7.63 10.79
N THR B 213 20.57 -8.38 11.84
CA THR B 213 20.21 -9.79 12.01
C THR B 213 19.79 -10.09 13.45
N CYS B 214 18.77 -10.94 13.60
CA CYS B 214 18.38 -11.55 14.86
C CYS B 214 18.72 -13.03 14.82
N GLN B 215 19.48 -13.53 15.80
CA GLN B 215 19.89 -14.94 15.86
C GLN B 215 19.45 -15.54 17.17
N VAL B 216 18.75 -16.68 17.11
CA VAL B 216 18.30 -17.40 18.28
C VAL B 216 19.00 -18.75 18.30
N THR B 217 19.51 -19.13 19.47
CA THR B 217 20.13 -20.44 19.65
C THR B 217 19.25 -21.24 20.58
N HIS B 218 18.91 -22.46 20.17
CA HIS B 218 17.93 -23.30 20.87
C HIS B 218 18.31 -24.75 20.63
N GLU B 219 18.58 -25.50 21.72
CA GLU B 219 18.85 -26.94 21.58
C GLU B 219 20.02 -27.24 20.62
N GLY B 220 21.04 -26.40 20.62
CA GLY B 220 22.16 -26.68 19.76
C GLY B 220 21.99 -26.26 18.32
N ASN B 221 20.91 -25.56 18.00
CA ASN B 221 20.62 -25.07 16.65
C ASN B 221 20.56 -23.54 16.65
N THR B 222 21.02 -22.92 15.57
CA THR B 222 20.75 -21.49 15.41
C THR B 222 19.72 -21.30 14.31
N VAL B 223 18.87 -20.32 14.52
CA VAL B 223 17.91 -19.84 13.55
C VAL B 223 18.14 -18.34 13.45
N GLU B 224 18.23 -17.80 12.24
CA GLU B 224 18.44 -16.37 12.12
C GLU B 224 17.69 -15.78 10.93
N LYS B 225 17.38 -14.48 11.05
CA LYS B 225 16.81 -13.68 9.97
C LYS B 225 17.40 -12.26 10.02
N SER B 226 17.51 -11.66 8.84
CA SER B 226 18.14 -10.37 8.62
C SER B 226 17.17 -9.32 8.06
N LEU B 227 17.47 -8.05 8.38
CA LEU B 227 16.75 -6.87 7.94
C LEU B 227 17.69 -5.99 7.14
N SER B 228 17.22 -5.46 6.00
CA SER B 228 18.06 -4.49 5.23
C SER B 228 17.28 -3.26 4.74
N PRO B 229 17.76 -2.03 5.03
CA PRO B 229 17.29 -0.68 4.67
C PRO B 229 17.18 -0.38 3.15
N GLU C 20 -13.36 15.68 -52.90
CA GLU C 20 -12.18 16.22 -52.22
C GLU C 20 -11.04 15.21 -52.34
N VAL C 21 -9.80 15.68 -52.24
CA VAL C 21 -8.65 14.78 -52.27
C VAL C 21 -8.62 14.00 -50.96
N GLN C 22 -8.43 12.68 -51.07
CA GLN C 22 -8.26 11.79 -49.94
C GLN C 22 -7.02 10.97 -50.18
N LEU C 23 -6.18 10.79 -49.16
CA LEU C 23 -4.99 9.97 -49.22
C LEU C 23 -5.00 9.12 -47.97
N VAL C 24 -5.16 7.82 -48.12
CA VAL C 24 -5.34 6.90 -46.98
C VAL C 24 -4.20 5.93 -46.95
N GLU C 25 -3.33 6.09 -45.96
CA GLU C 25 -2.22 5.14 -45.80
C GLU C 25 -2.61 3.87 -45.02
N SER C 26 -1.88 2.79 -45.36
CA SER C 26 -1.96 1.53 -44.64
C SER C 26 -0.65 0.76 -44.73
N GLY C 27 -0.54 -0.29 -43.89
CA GLY C 27 0.62 -1.20 -43.96
C GLY C 27 1.77 -1.02 -42.98
N GLY C 28 1.60 -0.24 -41.95
CA GLY C 28 2.67 0.03 -40.99
C GLY C 28 2.66 -1.05 -39.94
N GLY C 29 3.35 -0.79 -38.82
CA GLY C 29 3.31 -1.73 -37.71
C GLY C 29 4.73 -1.93 -37.19
N LEU C 30 4.93 -3.08 -36.55
CA LEU C 30 6.18 -3.42 -35.87
C LEU C 30 6.92 -4.41 -36.74
N VAL C 31 8.22 -4.18 -36.94
CA VAL C 31 9.06 -5.17 -37.61
C VAL C 31 10.43 -5.29 -36.94
N GLN C 32 11.02 -6.50 -36.99
CA GLN C 32 12.38 -6.72 -36.49
C GLN C 32 13.42 -6.05 -37.40
N PRO C 33 14.54 -5.57 -36.86
CA PRO C 33 15.63 -5.11 -37.74
C PRO C 33 15.97 -6.16 -38.80
N GLY C 34 16.24 -5.62 -40.01
CA GLY C 34 16.61 -6.45 -41.13
C GLY C 34 15.43 -6.90 -41.97
N ARG C 35 14.22 -6.86 -41.41
CA ARG C 35 13.03 -7.25 -42.15
C ARG C 35 12.50 -6.08 -43.01
N SER C 36 11.35 -6.31 -43.67
CA SER C 36 10.73 -5.40 -44.62
CA SER C 36 10.74 -5.38 -44.61
C SER C 36 9.26 -5.11 -44.26
N LEU C 37 8.76 -3.99 -44.81
CA LEU C 37 7.37 -3.62 -44.71
C LEU C 37 7.01 -2.91 -45.99
N LYS C 38 5.74 -3.03 -46.44
CA LYS C 38 5.30 -2.34 -47.65
C LYS C 38 4.14 -1.42 -47.23
N LEU C 39 4.36 -0.14 -47.33
CA LEU C 39 3.28 0.82 -47.07
C LEU C 39 2.51 1.07 -48.36
N SER C 40 1.22 1.39 -48.22
CA SER C 40 0.36 1.71 -49.34
C SER C 40 -0.31 3.05 -49.08
N CYS C 41 -0.60 3.79 -50.14
CA CYS C 41 -1.40 5.03 -50.05
C CYS C 41 -2.46 4.91 -51.13
N ALA C 42 -3.74 4.81 -50.73
CA ALA C 42 -4.84 4.73 -51.68
C ALA C 42 -5.37 6.14 -51.83
N ALA C 43 -5.38 6.63 -53.04
CA ALA C 43 -5.78 7.99 -53.33
C ALA C 43 -7.13 8.05 -54.02
N SER C 44 -7.91 9.08 -53.72
CA SER C 44 -9.15 9.26 -54.48
C SER C 44 -9.49 10.74 -54.55
N GLY C 45 -10.38 11.07 -55.45
CA GLY C 45 -10.86 12.44 -55.60
C GLY C 45 -10.01 13.34 -56.48
N PHE C 46 -9.09 12.80 -57.29
CA PHE C 46 -8.37 13.60 -58.26
C PHE C 46 -7.83 12.63 -59.32
N THR C 47 -7.36 13.19 -60.44
CA THR C 47 -6.85 12.38 -61.54
CA THR C 47 -6.83 12.40 -61.55
C THR C 47 -5.41 12.00 -61.21
N PHE C 48 -5.30 10.89 -60.44
CA PHE C 48 -4.06 10.42 -59.86
C PHE C 48 -2.96 10.34 -60.86
N SER C 49 -3.27 9.86 -62.08
CA SER C 49 -2.17 9.66 -63.05
C SER C 49 -1.58 10.97 -63.57
N ASN C 50 -2.13 12.13 -63.23
CA ASN C 50 -1.50 13.36 -63.65
C ASN C 50 -0.44 13.89 -62.67
N TYR C 51 -0.23 13.27 -61.49
CA TYR C 51 0.57 13.89 -60.45
C TYR C 51 1.66 12.98 -59.92
N GLY C 52 2.82 13.57 -59.63
CA GLY C 52 3.81 12.86 -58.84
C GLY C 52 3.32 12.60 -57.43
N MET C 53 3.81 11.52 -56.84
CA MET C 53 3.49 11.21 -55.44
C MET C 53 4.77 11.02 -54.63
N ALA C 54 4.66 11.15 -53.30
CA ALA C 54 5.85 11.09 -52.44
C ALA C 54 5.56 10.50 -51.06
N TRP C 55 6.65 10.10 -50.39
CA TRP C 55 6.62 9.68 -48.97
C TRP C 55 7.58 10.58 -48.21
N VAL C 56 7.16 11.05 -47.02
CA VAL C 56 7.95 11.93 -46.12
C VAL C 56 7.77 11.34 -44.72
N ARG C 57 8.86 11.25 -43.96
CA ARG C 57 8.70 10.71 -42.60
C ARG C 57 9.02 11.74 -41.55
N GLN C 58 8.56 11.46 -40.30
CA GLN C 58 8.76 12.42 -39.24
C GLN C 58 9.11 11.72 -37.95
N THR C 59 10.02 12.34 -37.16
CA THR C 59 10.26 11.98 -35.77
C THR C 59 10.21 13.23 -34.92
N PRO C 60 10.02 13.06 -33.61
CA PRO C 60 9.97 14.22 -32.71
C PRO C 60 11.23 15.02 -32.70
N THR C 61 12.42 14.40 -32.81
CA THR C 61 13.61 15.21 -32.67
C THR C 61 14.18 15.64 -34.00
N LYS C 62 13.85 14.97 -35.11
CA LYS C 62 14.51 15.27 -36.39
C LYS C 62 13.61 15.91 -37.45
N GLY C 63 12.33 16.09 -37.20
CA GLY C 63 11.51 16.85 -38.14
C GLY C 63 11.07 16.03 -39.35
N LEU C 64 10.61 16.75 -40.37
CA LEU C 64 10.20 16.12 -41.64
C LEU C 64 11.43 15.80 -42.51
N GLU C 65 11.45 14.61 -43.07
CA GLU C 65 12.55 14.12 -43.91
C GLU C 65 11.97 13.46 -45.13
N TRP C 66 12.30 14.01 -46.31
CA TRP C 66 11.82 13.39 -47.53
C TRP C 66 12.45 12.03 -47.78
N ILE C 67 11.61 11.04 -48.17
CA ILE C 67 12.06 9.65 -48.35
C ILE C 67 12.07 9.23 -49.84
N ALA C 68 10.99 9.53 -50.59
CA ALA C 68 10.98 9.05 -52.00
C ALA C 68 9.93 9.84 -52.75
N SER C 69 10.15 9.97 -54.07
CA SER C 69 9.12 10.51 -55.00
C SER C 69 9.04 9.65 -56.25
N ILE C 70 7.86 9.62 -56.87
CA ILE C 70 7.71 8.93 -58.16
C ILE C 70 6.95 9.81 -59.14
N SER C 71 7.36 9.78 -60.42
CA SER C 71 6.70 10.59 -61.44
C SER C 71 5.29 10.10 -61.72
N ALA C 72 4.50 10.99 -62.35
CA ALA C 72 3.10 10.67 -62.66
C ALA C 72 2.92 9.34 -63.36
N GLY C 73 3.76 9.06 -64.39
CA GLY C 73 3.64 7.83 -65.15
C GLY C 73 4.26 6.62 -64.52
N GLY C 74 5.01 6.83 -63.44
CA GLY C 74 5.60 5.71 -62.75
C GLY C 74 6.97 5.30 -63.21
N ASP C 75 7.50 5.95 -64.27
N ASP C 75 7.53 5.96 -64.22
CA ASP C 75 8.76 5.53 -64.91
CA ASP C 75 8.76 5.46 -64.82
C ASP C 75 9.99 5.99 -64.12
C ASP C 75 10.01 6.20 -64.36
N LYS C 76 9.88 7.10 -63.38
CA LYS C 76 11.07 7.75 -62.80
C LYS C 76 10.91 7.82 -61.29
N THR C 77 11.92 7.40 -60.54
CA THR C 77 11.89 7.45 -59.08
C THR C 77 13.07 8.22 -58.54
N TYR C 78 12.86 8.74 -57.31
CA TYR C 78 13.88 9.53 -56.61
C TYR C 78 13.85 9.22 -55.13
N TYR C 79 15.04 9.21 -54.50
CA TYR C 79 15.18 8.82 -53.08
C TYR C 79 16.05 9.75 -52.25
N GLY C 80 15.64 9.94 -50.97
CA GLY C 80 16.43 10.70 -50.02
C GLY C 80 17.68 9.97 -49.59
N ASP C 81 18.64 10.74 -49.07
CA ASP C 81 19.94 10.17 -48.72
C ASP C 81 19.88 9.03 -47.72
N SER C 82 18.95 9.08 -46.78
CA SER C 82 18.92 8.06 -45.72
C SER C 82 18.43 6.69 -46.21
N VAL C 83 17.83 6.61 -47.38
N VAL C 83 17.91 6.62 -47.47
CA VAL C 83 17.08 5.42 -47.67
CA VAL C 83 17.38 5.38 -48.04
C VAL C 83 17.51 4.83 -48.99
C VAL C 83 18.51 4.44 -48.47
N LYS C 84 18.45 5.49 -49.64
N LYS C 84 19.42 4.95 -49.29
CA LYS C 84 19.04 4.94 -50.81
CA LYS C 84 20.61 4.23 -49.68
C LYS C 84 19.67 3.58 -50.53
C LYS C 84 20.32 2.89 -50.40
N GLY C 85 19.43 2.81 -51.49
CA GLY C 85 19.43 1.47 -51.98
C GLY C 85 18.63 0.49 -51.15
N ARG C 86 17.81 0.96 -50.22
CA ARG C 86 17.05 0.01 -49.43
C ARG C 86 15.55 0.06 -49.67
N PHE C 87 15.02 1.16 -50.22
CA PHE C 87 13.57 1.33 -50.39
C PHE C 87 13.23 1.50 -51.86
N SER C 88 12.01 1.07 -52.25
CA SER C 88 11.56 1.24 -53.65
C SER C 88 10.17 1.88 -53.60
N ILE C 89 9.95 2.94 -54.38
CA ILE C 89 8.63 3.50 -54.54
C ILE C 89 8.03 3.08 -55.88
N SER C 90 6.73 2.71 -55.88
CA SER C 90 6.07 2.27 -57.13
C SER C 90 4.61 2.75 -57.12
N ARG C 91 3.94 2.65 -58.25
CA ARG C 91 2.53 3.07 -58.30
C ARG C 91 1.74 2.21 -59.27
N ASP C 92 0.45 2.09 -58.98
CA ASP C 92 -0.49 1.37 -59.85
C ASP C 92 -1.60 2.37 -60.15
N ASN C 93 -1.50 2.98 -61.33
CA ASN C 93 -2.47 4.04 -61.64
C ASN C 93 -3.89 3.51 -61.74
N ALA C 94 -4.11 2.27 -62.21
CA ALA C 94 -5.46 1.75 -62.32
C ALA C 94 -6.11 1.49 -60.96
N LYS C 95 -5.31 1.37 -59.91
CA LYS C 95 -5.84 1.25 -58.53
C LYS C 95 -5.75 2.55 -57.78
N THR C 96 -5.30 3.62 -58.44
CA THR C 96 -4.90 4.91 -57.84
C THR C 96 -4.21 4.75 -56.47
N THR C 97 -3.19 3.90 -56.42
CA THR C 97 -2.43 3.63 -55.23
C THR C 97 -0.94 3.73 -55.54
N HIS C 98 -0.19 4.19 -54.55
CA HIS C 98 1.27 4.05 -54.62
C HIS C 98 1.81 3.41 -53.35
N TYR C 99 3.07 2.97 -53.43
CA TYR C 99 3.61 2.01 -52.46
C TYR C 99 5.01 2.39 -52.09
N LEU C 100 5.41 2.10 -50.83
CA LEU C 100 6.80 2.26 -50.40
C LEU C 100 7.26 0.92 -49.86
N GLN C 101 8.09 0.20 -50.63
CA GLN C 101 8.64 -1.10 -50.17
C GLN C 101 9.89 -0.77 -49.37
N MET C 102 9.88 -1.06 -48.08
CA MET C 102 11.03 -0.70 -47.21
CA MET C 102 10.98 -0.70 -47.16
C MET C 102 11.75 -1.97 -46.79
N ASP C 103 13.00 -2.13 -47.26
CA ASP C 103 13.75 -3.35 -46.96
C ASP C 103 14.93 -3.01 -46.05
N SER C 104 15.50 -4.04 -45.43
CA SER C 104 16.72 -3.86 -44.60
C SER C 104 16.47 -2.77 -43.57
N LEU C 105 15.34 -2.90 -42.87
CA LEU C 105 14.94 -1.85 -41.91
C LEU C 105 15.85 -1.83 -40.69
N ARG C 106 16.07 -0.63 -40.14
CA ARG C 106 16.91 -0.46 -38.97
C ARG C 106 16.12 0.33 -37.92
N SER C 107 16.60 0.30 -36.67
CA SER C 107 15.89 1.00 -35.59
C SER C 107 15.71 2.48 -35.90
N GLU C 108 16.70 3.11 -36.58
CA GLU C 108 16.58 4.55 -36.91
C GLU C 108 15.59 4.85 -37.98
N ASP C 109 14.94 3.84 -38.61
CA ASP C 109 13.82 4.04 -39.51
C ASP C 109 12.49 4.13 -38.80
N THR C 110 12.46 3.98 -37.47
CA THR C 110 11.24 4.18 -36.70
C THR C 110 10.73 5.61 -36.88
N ALA C 111 9.47 5.76 -37.27
CA ALA C 111 8.96 7.09 -37.62
C ALA C 111 7.50 7.02 -37.97
N THR C 112 6.86 8.19 -38.06
CA THR C 112 5.57 8.29 -38.74
C THR C 112 5.86 8.54 -40.21
N TYR C 113 5.20 7.80 -41.11
CA TYR C 113 5.42 7.95 -42.57
C TYR C 113 4.16 8.54 -43.18
N TYR C 114 4.30 9.68 -43.90
CA TYR C 114 3.20 10.31 -44.62
C TYR C 114 3.28 10.09 -46.10
N CYS C 115 2.15 9.80 -46.72
CA CYS C 115 1.93 9.97 -48.16
CA CYS C 115 2.18 10.00 -48.16
C CYS C 115 1.76 11.43 -48.46
N ALA C 116 2.19 11.89 -49.62
CA ALA C 116 1.84 13.25 -50.04
C ALA C 116 1.63 13.30 -51.55
N LYS C 117 0.63 14.06 -51.97
CA LYS C 117 0.43 14.37 -53.40
C LYS C 117 1.31 15.56 -53.77
N THR C 118 1.88 15.57 -54.99
CA THR C 118 2.58 16.78 -55.38
C THR C 118 1.76 17.62 -56.38
N SER C 119 2.06 18.95 -56.44
CA SER C 119 1.53 19.79 -57.53
C SER C 119 2.74 20.52 -58.14
N ARG C 120 3.48 19.79 -58.97
CA ARG C 120 4.70 20.26 -59.67
C ARG C 120 5.88 20.54 -58.75
N VAL C 121 5.71 21.45 -57.78
CA VAL C 121 6.84 21.91 -56.99
C VAL C 121 6.57 21.91 -55.50
N TYR C 122 5.39 21.48 -55.06
CA TYR C 122 5.11 21.50 -53.61
C TYR C 122 4.16 20.36 -53.31
N PHE C 123 4.00 20.03 -52.01
CA PHE C 123 3.12 18.97 -51.57
C PHE C 123 1.81 19.60 -51.22
N ASP C 124 0.79 19.38 -52.04
CA ASP C 124 -0.47 20.11 -51.82
C ASP C 124 -1.40 19.41 -50.83
N TYR C 125 -1.28 18.09 -50.68
CA TYR C 125 -2.09 17.35 -49.69
C TYR C 125 -1.27 16.23 -49.07
N TRP C 126 -1.51 15.98 -47.76
CA TRP C 126 -0.78 14.97 -47.00
C TRP C 126 -1.79 13.95 -46.42
N GLY C 127 -1.37 12.70 -46.36
CA GLY C 127 -2.19 11.70 -45.68
C GLY C 127 -2.13 11.80 -44.15
N GLN C 128 -2.75 10.81 -43.52
N GLN C 128 -2.79 10.87 -43.48
CA GLN C 128 -2.93 10.77 -42.07
CA GLN C 128 -2.80 11.05 -42.02
C GLN C 128 -1.68 10.37 -41.33
C GLN C 128 -1.61 10.43 -41.30
N GLY C 129 -0.78 9.68 -42.01
CA GLY C 129 0.46 9.14 -41.40
C GLY C 129 0.22 7.73 -40.88
N VAL C 130 1.21 6.85 -41.04
CA VAL C 130 1.20 5.53 -40.42
C VAL C 130 2.51 5.33 -39.66
N MET C 131 2.41 4.73 -38.46
CA MET C 131 3.57 4.54 -37.59
C MET C 131 4.27 3.25 -37.97
N VAL C 132 5.59 3.33 -38.04
CA VAL C 132 6.44 2.17 -38.29
C VAL C 132 7.40 2.09 -37.12
N THR C 133 7.50 0.92 -36.48
CA THR C 133 8.44 0.74 -35.37
C THR C 133 9.38 -0.41 -35.75
N VAL C 134 10.68 -0.16 -35.72
CA VAL C 134 11.67 -1.21 -35.98
C VAL C 134 12.37 -1.49 -34.68
N SER C 135 12.23 -2.72 -34.17
CA SER C 135 12.71 -3.07 -32.85
C SER C 135 12.81 -4.58 -32.75
N SER C 136 13.75 -5.02 -31.91
N SER C 136 13.73 -5.04 -31.91
CA SER C 136 13.85 -6.43 -31.53
CA SER C 136 13.80 -6.46 -31.58
C SER C 136 12.74 -6.85 -30.57
C SER C 136 12.84 -6.86 -30.45
N ALA C 137 12.12 -5.90 -29.87
CA ALA C 137 11.11 -6.25 -28.89
C ALA C 137 9.88 -6.80 -29.58
N GLU C 138 9.25 -7.79 -28.95
CA GLU C 138 8.02 -8.36 -29.49
C GLU C 138 6.82 -7.49 -29.10
N THR C 139 5.74 -7.63 -29.87
CA THR C 139 4.54 -6.90 -29.52
C THR C 139 3.97 -7.41 -28.19
N THR C 140 3.36 -6.49 -27.44
CA THR C 140 2.62 -6.81 -26.21
C THR C 140 1.20 -6.29 -26.36
N ALA C 141 0.22 -7.20 -26.20
CA ALA C 141 -1.16 -6.75 -26.27
C ALA C 141 -1.55 -6.06 -24.96
N PRO C 142 -2.47 -5.08 -25.04
CA PRO C 142 -2.93 -4.40 -23.81
C PRO C 142 -3.87 -5.26 -22.99
N SER C 143 -3.94 -4.94 -21.70
CA SER C 143 -5.05 -5.34 -20.86
C SER C 143 -5.99 -4.17 -20.83
N VAL C 144 -7.30 -4.42 -20.91
CA VAL C 144 -8.29 -3.36 -21.02
C VAL C 144 -9.27 -3.47 -19.86
N TYR C 145 -9.39 -2.37 -19.07
CA TYR C 145 -10.22 -2.34 -17.88
C TYR C 145 -11.27 -1.25 -17.96
N PRO C 146 -12.51 -1.55 -17.58
CA PRO C 146 -13.55 -0.53 -17.58
C PRO C 146 -13.35 0.40 -16.38
N LEU C 147 -13.63 1.69 -16.58
CA LEU C 147 -13.57 2.65 -15.50
C LEU C 147 -14.95 3.27 -15.26
N ALA C 148 -15.48 3.03 -14.08
CA ALA C 148 -16.67 3.77 -13.69
C ALA C 148 -16.34 4.68 -12.51
N PRO C 149 -17.11 5.76 -12.31
CA PRO C 149 -17.13 6.52 -11.05
C PRO C 149 -17.23 5.62 -9.82
N SER C 157 -24.98 15.64 -13.45
CA SER C 157 -26.01 15.16 -14.36
C SER C 157 -25.37 14.55 -15.62
N MET C 158 -24.15 15.00 -15.95
CA MET C 158 -23.29 14.34 -16.93
C MET C 158 -22.41 13.35 -16.19
N VAL C 159 -22.08 12.25 -16.84
CA VAL C 159 -21.28 11.18 -16.25
C VAL C 159 -20.09 10.91 -17.15
N THR C 160 -18.90 10.75 -16.57
CA THR C 160 -17.70 10.39 -17.35
C THR C 160 -17.29 8.95 -17.03
N LEU C 161 -17.30 8.12 -18.06
CA LEU C 161 -16.83 6.75 -18.06
C LEU C 161 -15.45 6.64 -18.71
N GLY C 162 -14.77 5.54 -18.47
CA GLY C 162 -13.46 5.44 -19.06
C GLY C 162 -13.07 4.04 -19.39
N CYS C 163 -11.95 3.97 -20.09
CA CYS C 163 -11.38 2.68 -20.43
CA CYS C 163 -11.41 2.72 -20.56
C CYS C 163 -9.89 2.81 -20.31
N LEU C 164 -9.33 1.96 -19.45
CA LEU C 164 -7.86 1.94 -19.24
C LEU C 164 -7.22 0.89 -20.17
N VAL C 165 -6.28 1.32 -21.02
CA VAL C 165 -5.61 0.42 -21.99
C VAL C 165 -4.17 0.33 -21.49
N LYS C 166 -3.86 -0.76 -20.78
CA LYS C 166 -2.65 -0.89 -19.99
C LYS C 166 -1.60 -1.81 -20.61
N GLY C 167 -0.37 -1.32 -20.71
CA GLY C 167 0.76 -2.23 -20.94
C GLY C 167 0.92 -2.79 -22.36
N TYR C 168 0.88 -1.95 -23.39
CA TYR C 168 0.96 -2.41 -24.77
C TYR C 168 2.23 -1.87 -25.43
N PHE C 169 2.60 -2.50 -26.54
CA PHE C 169 3.73 -2.07 -27.32
C PHE C 169 3.58 -2.63 -28.75
N PRO C 170 3.83 -1.81 -29.78
CA PRO C 170 4.15 -0.38 -29.82
C PRO C 170 2.86 0.43 -29.93
N GLU C 171 3.00 1.73 -30.00
CA GLU C 171 1.90 2.55 -30.46
C GLU C 171 1.56 2.18 -31.94
N PRO C 172 0.31 2.42 -32.36
CA PRO C 172 -0.80 3.06 -31.65
C PRO C 172 -1.84 2.08 -31.18
N VAL C 173 -2.78 2.58 -30.42
CA VAL C 173 -4.06 1.93 -30.17
C VAL C 173 -5.13 2.90 -30.60
N THR C 174 -6.30 2.37 -30.94
CA THR C 174 -7.46 3.22 -31.16
C THR C 174 -8.56 2.80 -30.20
N VAL C 175 -9.36 3.78 -29.76
CA VAL C 175 -10.46 3.52 -28.84
C VAL C 175 -11.68 4.22 -29.39
N THR C 176 -12.75 3.48 -29.63
CA THR C 176 -14.03 4.11 -29.96
C THR C 176 -15.04 3.77 -28.87
N TRP C 177 -16.19 4.45 -28.93
CA TRP C 177 -17.25 4.21 -27.95
C TRP C 177 -18.54 3.89 -28.68
N ASN C 178 -19.18 2.80 -28.28
CA ASN C 178 -20.36 2.28 -28.97
C ASN C 178 -20.16 2.25 -30.50
N SER C 179 -18.98 1.77 -30.90
CA SER C 179 -18.67 1.54 -32.31
C SER C 179 -18.73 2.84 -33.11
N GLY C 180 -18.42 3.96 -32.43
CA GLY C 180 -18.42 5.27 -33.04
C GLY C 180 -19.71 6.04 -32.91
N ALA C 181 -20.77 5.42 -32.37
CA ALA C 181 -22.02 6.14 -32.24
C ALA C 181 -21.92 7.24 -31.18
N LEU C 182 -21.06 7.05 -30.19
CA LEU C 182 -20.75 8.08 -29.19
C LEU C 182 -19.43 8.69 -29.61
N SER C 183 -19.47 9.90 -30.20
CA SER C 183 -18.22 10.55 -30.61
C SER C 183 -18.00 11.92 -30.00
N SER C 184 -19.06 12.68 -29.76
CA SER C 184 -18.89 13.94 -29.05
C SER C 184 -18.51 13.62 -27.62
N GLY C 185 -17.70 14.49 -27.03
CA GLY C 185 -17.44 14.18 -25.63
C GLY C 185 -16.50 13.02 -25.39
N VAL C 186 -15.85 12.51 -26.44
CA VAL C 186 -14.80 11.52 -26.31
C VAL C 186 -13.44 12.20 -26.23
N HIS C 187 -12.61 11.77 -25.28
CA HIS C 187 -11.24 12.29 -25.17
C HIS C 187 -10.28 11.11 -24.98
N THR C 188 -9.37 10.89 -25.92
CA THR C 188 -8.33 9.89 -25.75
C THR C 188 -7.02 10.62 -25.43
N PHE C 189 -6.49 10.32 -24.33
CA PHE C 189 -5.34 11.01 -23.78
C PHE C 189 -4.05 10.35 -24.26
N PRO C 190 -3.04 11.13 -24.68
CA PRO C 190 -1.77 10.50 -25.10
C PRO C 190 -1.20 9.60 -24.00
N ALA C 191 -0.49 8.57 -24.43
CA ALA C 191 -0.04 7.54 -23.53
C ALA C 191 1.22 7.94 -22.77
N VAL C 192 1.43 7.27 -21.57
CA VAL C 192 2.72 7.29 -20.87
C VAL C 192 3.49 6.05 -21.26
N LEU C 193 4.81 6.16 -21.23
CA LEU C 193 5.74 5.06 -21.45
C LEU C 193 6.52 4.74 -20.20
N GLN C 194 6.53 3.46 -19.80
CA GLN C 194 7.22 3.02 -18.60
C GLN C 194 7.75 1.62 -18.85
N SER C 195 9.06 1.42 -18.68
CA SER C 195 9.69 0.11 -18.87
C SER C 195 9.22 -0.55 -20.18
N GLY C 196 9.23 0.24 -21.26
CA GLY C 196 9.01 -0.33 -22.57
C GLY C 196 7.56 -0.53 -22.97
N LEU C 197 6.61 -0.27 -22.06
CA LEU C 197 5.18 -0.44 -22.34
C LEU C 197 4.41 0.85 -22.18
N TYR C 198 3.39 1.01 -23.01
CA TYR C 198 2.51 2.19 -23.06
C TYR C 198 1.24 1.95 -22.26
N THR C 199 0.73 3.01 -21.62
CA THR C 199 -0.58 2.92 -20.99
C THR C 199 -1.34 4.20 -21.34
N LEU C 200 -2.62 4.09 -21.70
CA LEU C 200 -3.39 5.32 -21.86
C LEU C 200 -4.79 5.11 -21.30
N THR C 201 -5.56 6.18 -21.23
CA THR C 201 -6.97 6.11 -20.89
C THR C 201 -7.76 6.91 -21.92
N SER C 202 -8.94 6.38 -22.29
CA SER C 202 -9.93 7.09 -23.08
C SER C 202 -11.16 7.30 -22.22
N SER C 203 -11.78 8.49 -22.33
CA SER C 203 -12.97 8.80 -21.56
C SER C 203 -14.10 9.22 -22.48
N VAL C 204 -15.33 9.01 -22.01
CA VAL C 204 -16.51 9.54 -22.69
C VAL C 204 -17.42 10.14 -21.63
N THR C 205 -18.01 11.29 -21.96
CA THR C 205 -18.97 11.93 -21.09
C THR C 205 -20.34 11.85 -21.76
N VAL C 206 -21.31 11.30 -21.02
CA VAL C 206 -22.68 11.11 -21.52
C VAL C 206 -23.67 11.66 -20.50
N PRO C 207 -24.89 11.92 -20.94
CA PRO C 207 -25.99 12.14 -19.99
C PRO C 207 -26.16 10.96 -19.03
N SER C 208 -26.51 11.28 -17.79
CA SER C 208 -26.83 10.24 -16.82
C SER C 208 -27.90 9.31 -17.35
N SER C 209 -28.83 9.85 -18.15
CA SER C 209 -29.95 9.07 -18.66
C SER C 209 -29.47 8.01 -19.65
N THR C 210 -28.49 8.34 -20.49
CA THR C 210 -27.94 7.31 -21.37
C THR C 210 -27.24 6.23 -20.56
N TRP C 211 -26.47 6.60 -19.53
CA TRP C 211 -25.81 5.54 -18.76
C TRP C 211 -26.81 4.63 -18.07
N SER C 212 -27.96 5.16 -17.68
CA SER C 212 -28.87 4.32 -16.91
C SER C 212 -29.72 3.42 -17.80
N SER C 213 -29.86 3.77 -19.06
CA SER C 213 -30.81 3.10 -19.94
C SER C 213 -30.20 2.56 -21.21
N GLN C 214 -28.92 2.79 -21.46
CA GLN C 214 -28.25 2.24 -22.64
C GLN C 214 -26.87 1.73 -22.24
N ALA C 215 -26.53 0.53 -22.72
CA ALA C 215 -25.18 0.04 -22.57
C ALA C 215 -24.16 0.97 -23.22
N VAL C 216 -23.04 1.18 -22.53
CA VAL C 216 -21.89 1.93 -23.00
C VAL C 216 -20.69 0.99 -23.02
N THR C 217 -20.03 0.89 -24.18
CA THR C 217 -18.97 -0.09 -24.42
C THR C 217 -17.81 0.63 -25.06
N CYS C 218 -16.58 0.39 -24.59
CA CYS C 218 -15.45 0.89 -25.34
C CYS C 218 -14.89 -0.22 -26.25
N ASN C 219 -14.43 0.18 -27.45
CA ASN C 219 -13.93 -0.77 -28.45
C ASN C 219 -12.46 -0.41 -28.61
N VAL C 220 -11.55 -1.30 -28.21
CA VAL C 220 -10.12 -0.99 -28.18
C VAL C 220 -9.46 -1.87 -29.24
N ALA C 221 -8.64 -1.27 -30.10
CA ALA C 221 -7.94 -2.01 -31.15
C ALA C 221 -6.45 -1.74 -30.99
N HIS C 222 -5.65 -2.80 -31.03
CA HIS C 222 -4.19 -2.69 -31.02
C HIS C 222 -3.72 -3.55 -32.18
N PRO C 223 -3.55 -2.95 -33.35
CA PRO C 223 -3.28 -3.76 -34.54
C PRO C 223 -2.02 -4.61 -34.45
N ALA C 224 -0.98 -4.12 -33.81
CA ALA C 224 0.27 -4.86 -33.87
C ALA C 224 0.15 -6.21 -33.17
N SER C 225 -0.74 -6.32 -32.19
CA SER C 225 -0.96 -7.59 -31.52
C SER C 225 -2.24 -8.28 -31.98
N SER C 226 -2.87 -7.80 -33.07
CA SER C 226 -4.16 -8.36 -33.55
C SER C 226 -5.24 -8.36 -32.44
N THR C 227 -5.24 -7.34 -31.58
CA THR C 227 -6.15 -7.30 -30.44
C THR C 227 -7.36 -6.46 -30.82
N LYS C 228 -8.55 -6.99 -30.58
CA LYS C 228 -9.77 -6.18 -30.56
C LYS C 228 -10.54 -6.62 -29.33
N VAL C 229 -10.83 -5.66 -28.47
CA VAL C 229 -11.48 -5.91 -27.20
C VAL C 229 -12.69 -4.98 -27.08
N ASP C 230 -13.83 -5.53 -26.67
CA ASP C 230 -14.97 -4.70 -26.25
C ASP C 230 -15.10 -4.82 -24.74
N LYS C 231 -15.20 -3.69 -24.04
CA LYS C 231 -15.48 -3.75 -22.60
C LYS C 231 -16.72 -2.93 -22.27
N LYS C 232 -17.75 -3.56 -21.73
CA LYS C 232 -18.90 -2.81 -21.30
C LYS C 232 -18.59 -2.16 -19.96
N ILE C 233 -19.03 -0.91 -19.78
CA ILE C 233 -18.92 -0.20 -18.49
C ILE C 233 -20.17 -0.49 -17.66
N VAL C 234 -20.00 -1.20 -16.56
CA VAL C 234 -21.12 -1.49 -15.68
C VAL C 234 -20.89 -0.85 -14.32
N PRO C 235 -21.94 -0.43 -13.63
CA PRO C 235 -21.90 0.07 -12.25
C PRO C 235 -21.38 -0.96 -11.25
N PCA D 20 21.16 18.36 -50.66
N PCA D 20 21.41 19.20 -51.86
CA PCA D 20 21.93 19.31 -51.52
CA PCA D 20 22.71 19.81 -51.81
CB PCA D 20 21.09 19.62 -52.76
CB PCA D 20 23.08 20.42 -53.17
CG PCA D 20 19.67 19.10 -52.54
CG PCA D 20 21.76 20.52 -53.94
CD PCA D 20 19.83 18.23 -51.31
CD PCA D 20 20.82 19.65 -53.13
OE PCA D 20 18.89 17.49 -50.94
OE PCA D 20 19.68 19.32 -53.48
C PCA D 20 22.47 20.65 -50.91
C PCA D 20 22.75 20.97 -50.81
O PCA D 20 23.46 21.20 -51.34
O PCA D 20 23.73 21.72 -50.84
N PHE D 21 21.74 21.15 -49.93
CA PHE D 21 21.93 22.34 -49.04
C PHE D 21 21.09 22.03 -47.83
N VAL D 22 21.17 22.87 -46.79
CA VAL D 22 20.26 22.79 -45.66
C VAL D 22 19.48 24.09 -45.57
N LEU D 23 18.30 23.98 -44.96
CA LEU D 23 17.49 25.17 -44.65
C LEU D 23 17.46 25.33 -43.14
N THR D 24 17.89 26.48 -42.65
CA THR D 24 17.97 26.65 -41.22
C THR D 24 16.82 27.53 -40.74
N GLN D 25 16.02 27.03 -39.78
CA GLN D 25 14.91 27.70 -39.11
C GLN D 25 15.15 27.76 -37.61
N PRO D 26 14.79 28.85 -36.93
CA PRO D 26 14.89 28.83 -35.47
C PRO D 26 14.00 27.73 -34.89
N ASN D 27 14.45 27.15 -33.79
CA ASN D 27 13.62 26.07 -33.23
C ASN D 27 12.28 26.58 -32.68
N SER D 28 12.26 27.76 -32.07
CA SER D 28 11.04 28.21 -31.42
C SER D 28 11.02 29.74 -31.45
N VAL D 29 9.81 30.30 -31.57
CA VAL D 29 9.56 31.75 -31.53
C VAL D 29 8.30 31.98 -30.73
N SER D 30 8.31 33.00 -29.86
CA SER D 30 7.17 33.45 -29.08
C SER D 30 6.68 34.80 -29.57
N THR D 31 5.37 35.00 -29.64
CA THR D 31 4.83 36.28 -30.06
C THR D 31 3.50 36.51 -29.37
N ASN D 32 3.11 37.78 -29.26
CA ASN D 32 1.86 38.14 -28.60
C ASN D 32 0.66 37.96 -29.53
N LEU D 33 -0.50 37.62 -28.96
CA LEU D 33 -1.77 37.81 -29.67
C LEU D 33 -1.84 39.17 -30.36
N GLY D 34 -2.17 39.16 -31.65
CA GLY D 34 -2.37 40.38 -32.39
C GLY D 34 -1.14 40.98 -33.03
N SER D 35 0.05 40.51 -32.69
CA SER D 35 1.31 41.01 -33.22
C SER D 35 1.54 40.45 -34.63
N THR D 36 2.56 40.97 -35.30
CA THR D 36 3.09 40.39 -36.52
C THR D 36 4.36 39.66 -36.19
N VAL D 37 4.56 38.51 -36.81
CA VAL D 37 5.75 37.73 -36.57
C VAL D 37 6.33 37.33 -37.91
N LYS D 38 7.65 37.26 -37.99
CA LYS D 38 8.33 36.86 -39.23
C LYS D 38 9.18 35.64 -38.92
N LEU D 39 8.87 34.54 -39.56
CA LEU D 39 9.60 33.28 -39.40
C LEU D 39 10.58 33.08 -40.55
N SER D 40 11.87 32.84 -40.24
CA SER D 40 12.87 32.79 -41.32
C SER D 40 13.40 31.40 -41.64
N CYS D 41 13.92 31.24 -42.87
CA CYS D 41 14.33 29.93 -43.38
C CYS D 41 15.52 30.23 -44.31
N LYS D 42 16.76 29.98 -43.85
CA LYS D 42 17.97 30.44 -44.53
C LYS D 42 18.58 29.25 -45.30
N ARG D 43 18.80 29.42 -46.61
CA ARG D 43 19.51 28.42 -47.40
C ARG D 43 21.04 28.50 -47.25
N SER D 44 21.65 27.35 -46.89
CA SER D 44 23.07 27.36 -46.52
C SER D 44 24.00 27.67 -47.68
N THR D 45 23.69 27.17 -48.88
CA THR D 45 24.56 27.31 -50.06
C THR D 45 23.66 27.39 -51.30
N GLY D 46 24.06 28.17 -52.30
CA GLY D 46 23.19 28.40 -53.44
C GLY D 46 22.18 29.49 -53.13
N ASN D 47 21.55 30.04 -54.16
CA ASN D 47 20.66 31.20 -54.03
CA ASN D 47 20.68 31.20 -53.96
C ASN D 47 19.28 30.73 -53.63
N ILE D 48 18.70 31.31 -52.55
CA ILE D 48 17.34 30.99 -52.13
C ILE D 48 16.35 31.17 -53.28
N GLY D 49 16.58 32.14 -54.16
CA GLY D 49 15.66 32.38 -55.26
C GLY D 49 15.77 31.40 -56.43
N SER D 50 16.74 30.48 -56.41
CA SER D 50 16.94 29.56 -57.54
C SER D 50 15.91 28.43 -57.56
N ASN D 51 15.23 28.16 -56.44
CA ASN D 51 14.24 27.08 -56.41
C ASN D 51 13.15 27.58 -55.49
N TYR D 52 11.89 27.31 -55.86
CA TYR D 52 10.78 27.76 -54.98
C TYR D 52 10.90 27.26 -53.55
N VAL D 53 10.34 28.08 -52.67
CA VAL D 53 10.21 27.75 -51.24
C VAL D 53 8.73 27.67 -50.89
N ASN D 54 8.36 26.60 -50.15
CA ASN D 54 6.99 26.38 -49.72
C ASN D 54 6.98 26.29 -48.21
N TRP D 55 5.81 26.54 -47.63
CA TRP D 55 5.65 26.53 -46.16
C TRP D 55 4.46 25.70 -45.76
N TYR D 56 4.65 24.87 -44.73
CA TYR D 56 3.58 24.02 -44.20
C TYR D 56 3.35 24.29 -42.70
N GLN D 57 2.09 24.16 -42.26
CA GLN D 57 1.73 24.33 -40.84
C GLN D 57 1.42 22.94 -40.33
N GLN D 58 1.86 22.63 -39.09
CA GLN D 58 1.49 21.36 -38.47
C GLN D 58 1.10 21.55 -37.01
N HIS D 59 -0.16 21.31 -36.71
CA HIS D 59 -0.62 21.29 -35.34
C HIS D 59 -0.23 19.98 -34.69
N GLU D 60 -0.07 20.03 -33.36
CA GLU D 60 0.41 18.87 -32.66
C GLU D 60 -0.53 17.70 -32.90
N GLY D 61 0.03 16.57 -33.26
CA GLY D 61 -0.78 15.39 -33.49
C GLY D 61 -1.49 15.31 -34.83
N ARG D 62 -1.27 16.25 -35.73
CA ARG D 62 -1.99 16.24 -36.99
C ARG D 62 -1.00 16.22 -38.16
N SER D 63 -1.55 15.98 -39.36
CA SER D 63 -0.75 16.08 -40.56
C SER D 63 -0.46 17.53 -40.99
N PRO D 64 0.65 17.78 -41.68
CA PRO D 64 0.89 19.14 -42.20
C PRO D 64 -0.17 19.57 -43.21
N THR D 65 -0.42 20.90 -43.30
CA THR D 65 -1.18 21.46 -44.42
C THR D 65 -0.40 22.62 -45.03
N THR D 66 -0.69 22.89 -46.29
CA THR D 66 0.08 23.91 -47.00
C THR D 66 -0.40 25.34 -46.70
N MET D 67 0.51 26.23 -46.28
CA MET D 67 0.17 27.65 -46.08
C MET D 67 0.56 28.51 -47.29
N ILE D 68 1.73 28.27 -47.82
CA ILE D 68 2.33 29.06 -48.89
C ILE D 68 3.04 28.13 -49.86
N TYR D 69 2.82 28.34 -51.17
CA TYR D 69 3.59 27.61 -52.18
C TYR D 69 4.14 28.57 -53.22
N ARG D 70 5.15 28.12 -53.97
CA ARG D 70 5.80 28.95 -55.01
C ARG D 70 6.19 30.34 -54.45
N ASP D 71 6.90 30.31 -53.29
CA ASP D 71 7.41 31.50 -52.57
C ASP D 71 6.33 32.36 -51.88
N ASP D 72 5.23 32.68 -52.57
CA ASP D 72 4.30 33.66 -52.03
C ASP D 72 2.81 33.44 -52.38
N LYS D 73 2.42 32.24 -52.82
CA LYS D 73 1.03 31.99 -53.20
C LYS D 73 0.32 31.29 -52.05
N ARG D 74 -0.97 31.64 -51.84
CA ARG D 74 -1.78 31.02 -50.79
C ARG D 74 -2.81 30.07 -51.39
N PRO D 75 -2.88 28.83 -50.89
CA PRO D 75 -4.03 27.97 -51.25
C PRO D 75 -5.34 28.57 -50.81
N ASP D 76 -6.39 28.21 -51.53
CA ASP D 76 -7.71 28.69 -51.16
C ASP D 76 -8.00 28.22 -49.76
N GLY D 77 -8.58 29.11 -49.00
CA GLY D 77 -8.90 28.81 -47.62
C GLY D 77 -7.86 29.26 -46.61
N VAL D 78 -6.64 29.52 -47.01
CA VAL D 78 -5.64 30.01 -46.06
C VAL D 78 -5.86 31.51 -45.85
N PRO D 79 -5.96 32.00 -44.60
CA PRO D 79 -6.14 33.44 -44.35
C PRO D 79 -5.03 34.33 -44.92
N ASP D 80 -5.44 35.54 -45.37
CA ASP D 80 -4.50 36.50 -45.95
C ASP D 80 -3.62 37.16 -44.89
N ARG D 81 -3.81 36.82 -43.62
CA ARG D 81 -2.81 37.14 -42.61
C ARG D 81 -1.48 36.45 -42.87
N PHE D 82 -1.45 35.33 -43.61
CA PHE D 82 -0.21 34.61 -43.92
C PHE D 82 0.33 35.12 -45.26
N SER D 83 1.61 35.47 -45.30
CA SER D 83 2.21 35.81 -46.60
C SER D 83 3.67 35.36 -46.65
N GLY D 84 4.16 35.13 -47.86
CA GLY D 84 5.49 34.55 -48.06
C GLY D 84 6.31 35.53 -48.88
N SER D 85 7.62 35.58 -48.59
CA SER D 85 8.54 36.42 -49.37
C SER D 85 9.93 35.80 -49.38
N ILE D 86 10.79 36.37 -50.22
CA ILE D 86 12.18 35.94 -50.42
C ILE D 86 13.08 37.13 -50.19
N ASP D 87 14.08 36.99 -49.32
CA ASP D 87 14.97 38.11 -48.99
C ASP D 87 16.35 37.74 -49.53
N ARG D 88 16.76 38.34 -50.65
CA ARG D 88 18.04 37.95 -51.25
C ARG D 88 19.21 38.28 -50.32
N SER D 89 19.13 39.42 -49.63
CA SER D 89 20.26 39.89 -48.83
C SER D 89 20.66 38.91 -47.72
N SER D 90 19.69 38.22 -47.11
CA SER D 90 19.96 37.25 -46.06
C SER D 90 19.84 35.81 -46.55
N ASN D 91 19.67 35.65 -47.87
CA ASN D 91 19.50 34.36 -48.51
C ASN D 91 18.43 33.51 -47.82
N SER D 92 17.29 34.14 -47.52
CA SER D 92 16.29 33.50 -46.67
C SER D 92 14.89 33.68 -47.23
N ALA D 93 14.02 32.69 -46.99
CA ALA D 93 12.60 32.90 -47.21
C ALA D 93 11.96 33.31 -45.88
N LEU D 94 10.86 34.05 -45.96
CA LEU D 94 10.19 34.56 -44.74
C LEU D 94 8.71 34.23 -44.83
N LEU D 95 8.17 33.72 -43.74
CA LEU D 95 6.72 33.58 -43.57
C LEU D 95 6.30 34.64 -42.58
N THR D 96 5.51 35.61 -43.04
CA THR D 96 4.99 36.67 -42.18
C THR D 96 3.57 36.34 -41.78
N ILE D 97 3.29 36.39 -40.48
CA ILE D 97 1.93 36.23 -39.99
C ILE D 97 1.52 37.56 -39.34
N ASN D 98 0.55 38.26 -39.93
CA ASN D 98 -0.04 39.47 -39.34
C ASN D 98 -1.17 39.07 -38.38
N ASN D 99 -1.43 39.94 -37.40
CA ASN D 99 -2.59 39.80 -36.51
C ASN D 99 -2.71 38.38 -35.94
N VAL D 100 -1.62 37.94 -35.30
CA VAL D 100 -1.50 36.53 -34.90
C VAL D 100 -2.67 36.13 -34.00
N GLN D 101 -3.22 34.94 -34.25
CA GLN D 101 -4.33 34.37 -33.49
C GLN D 101 -3.91 33.15 -32.68
N THR D 102 -4.76 32.76 -31.72
CA THR D 102 -4.41 31.57 -30.92
C THR D 102 -4.28 30.32 -31.77
N GLU D 103 -5.13 30.17 -32.81
CA GLU D 103 -5.06 29.05 -33.78
C GLU D 103 -3.70 28.92 -34.45
N ASP D 104 -2.88 29.96 -34.38
CA ASP D 104 -1.64 29.95 -35.14
C ASP D 104 -0.50 29.22 -34.40
N GLU D 105 -0.71 28.83 -33.14
CA GLU D 105 0.28 28.03 -32.41
C GLU D 105 0.40 26.71 -33.13
N ALA D 106 1.61 26.40 -33.57
CA ALA D 106 1.84 25.30 -34.49
C ALA D 106 3.33 25.28 -34.80
N ASP D 107 3.74 24.22 -35.49
CA ASP D 107 5.08 24.11 -36.02
C ASP D 107 5.02 24.47 -37.50
N TYR D 108 5.92 25.34 -37.96
CA TYR D 108 5.93 25.80 -39.34
C TYR D 108 7.19 25.29 -40.02
N PHE D 109 7.05 24.55 -41.11
CA PHE D 109 8.19 23.98 -41.85
C PHE D 109 8.37 24.62 -43.22
N CYS D 110 9.59 25.05 -43.53
CA CYS D 110 9.83 25.42 -44.93
C CYS D 110 10.38 24.25 -45.75
N HIS D 111 10.31 24.39 -47.07
CA HIS D 111 10.62 23.30 -48.02
C HIS D 111 11.18 23.88 -49.32
N SER D 112 12.31 23.34 -49.81
CA SER D 112 12.78 23.70 -51.14
C SER D 112 13.45 22.46 -51.71
N TYR D 113 14.12 22.63 -52.87
CA TYR D 113 14.65 21.47 -53.60
C TYR D 113 15.71 21.96 -54.55
N SER D 114 16.48 20.99 -55.07
CA SER D 114 17.33 21.27 -56.23
CA SER D 114 17.37 21.28 -56.21
C SER D 114 17.69 19.94 -56.88
N SER D 115 18.45 19.12 -56.14
CA SER D 115 18.69 17.72 -56.54
C SER D 115 18.33 16.89 -55.32
N GLY D 116 17.06 16.83 -55.03
CA GLY D 116 16.56 16.25 -53.80
C GLY D 116 15.72 17.30 -53.09
N ILE D 117 14.88 16.86 -52.17
CA ILE D 117 13.95 17.73 -51.42
C ILE D 117 14.49 17.98 -50.03
N VAL D 118 14.48 19.24 -49.62
CA VAL D 118 15.03 19.67 -48.32
C VAL D 118 13.92 20.30 -47.47
N PHE D 119 13.87 19.94 -46.20
CA PHE D 119 13.00 20.64 -45.24
C PHE D 119 13.82 21.40 -44.20
N GLY D 120 13.37 22.61 -43.83
CA GLY D 120 13.83 23.22 -42.59
C GLY D 120 13.40 22.38 -41.40
N GLY D 121 14.04 22.69 -40.26
CA GLY D 121 13.79 21.92 -39.06
C GLY D 121 12.49 22.24 -38.36
N GLY D 122 11.77 23.26 -38.81
CA GLY D 122 10.50 23.66 -38.21
C GLY D 122 10.67 24.67 -37.10
N THR D 123 9.84 25.70 -37.09
CA THR D 123 9.83 26.67 -35.97
C THR D 123 8.52 26.48 -35.23
N LYS D 124 8.61 26.17 -33.92
CA LYS D 124 7.43 26.08 -33.07
C LYS D 124 7.04 27.46 -32.61
N LEU D 125 5.82 27.90 -32.95
CA LEU D 125 5.34 29.24 -32.61
C LEU D 125 4.46 29.14 -31.38
N THR D 126 4.78 29.93 -30.34
CA THR D 126 3.97 30.08 -29.15
C THR D 126 3.32 31.45 -29.19
N VAL D 127 2.05 31.52 -28.80
CA VAL D 127 1.30 32.76 -28.88
C VAL D 127 1.00 33.16 -27.45
N LEU D 128 1.63 34.23 -26.99
CA LEU D 128 1.50 34.67 -25.62
C LEU D 128 0.24 35.50 -25.47
N GLY D 129 -0.26 35.57 -24.25
CA GLY D 129 -1.38 36.44 -23.93
C GLY D 129 -2.73 35.77 -23.94
N GLN D 130 -2.78 34.47 -24.08
CA GLN D 130 -4.06 33.79 -24.08
C GLN D 130 -4.60 33.76 -22.66
N PRO D 131 -5.91 33.62 -22.51
CA PRO D 131 -6.49 33.57 -21.16
C PRO D 131 -6.04 32.31 -20.42
N LYS D 132 -5.68 32.50 -19.16
CA LYS D 132 -5.33 31.36 -18.31
C LYS D 132 -6.53 30.42 -18.17
N SER D 133 -6.24 29.19 -17.86
CA SER D 133 -7.32 28.22 -17.73
C SER D 133 -6.90 27.10 -16.79
N THR D 134 -7.62 27.00 -15.68
CA THR D 134 -7.31 26.04 -14.64
C THR D 134 -7.74 24.63 -15.07
N PRO D 135 -6.92 23.63 -14.83
CA PRO D 135 -7.25 22.29 -15.31
C PRO D 135 -8.42 21.71 -14.55
N THR D 136 -9.21 20.91 -15.25
CA THR D 136 -10.23 20.10 -14.60
C THR D 136 -9.70 18.69 -14.46
N LEU D 137 -9.98 18.05 -13.31
CA LEU D 137 -9.55 16.69 -13.00
C LEU D 137 -10.71 15.70 -12.98
N THR D 138 -10.45 14.48 -13.45
CA THR D 138 -11.35 13.34 -13.34
C THR D 138 -10.51 12.19 -12.84
N VAL D 139 -10.90 11.55 -11.74
CA VAL D 139 -10.12 10.44 -11.17
C VAL D 139 -10.95 9.16 -11.19
N PHE D 140 -10.27 8.00 -11.38
CA PHE D 140 -10.93 6.69 -11.35
C PHE D 140 -10.14 5.75 -10.46
N PRO D 141 -10.85 4.96 -9.65
CA PRO D 141 -10.22 3.90 -8.85
C PRO D 141 -9.94 2.66 -9.67
N PRO D 142 -9.15 1.71 -9.13
CA PRO D 142 -8.94 0.45 -9.86
C PRO D 142 -10.25 -0.29 -10.09
N SER D 143 -10.37 -0.91 -11.27
CA SER D 143 -11.48 -1.79 -11.53
C SER D 143 -11.43 -3.13 -10.75
N THR D 144 -12.60 -3.73 -10.57
CA THR D 144 -12.69 -5.06 -9.98
C THR D 144 -11.81 -6.03 -10.75
N GLU D 145 -11.84 -5.90 -12.07
CA GLU D 145 -11.12 -6.84 -12.91
C GLU D 145 -9.61 -6.73 -12.66
N GLU D 146 -9.09 -5.52 -12.61
CA GLU D 146 -7.66 -5.36 -12.32
C GLU D 146 -7.30 -5.86 -10.92
N LEU D 147 -8.12 -5.54 -9.92
CA LEU D 147 -7.86 -6.07 -8.56
C LEU D 147 -7.87 -7.60 -8.46
N GLN D 148 -8.58 -8.33 -9.34
CA GLN D 148 -8.51 -9.79 -9.24
C GLN D 148 -7.11 -10.29 -9.56
N GLY D 149 -6.33 -9.51 -10.32
CA GLY D 149 -4.93 -9.75 -10.57
C GLY D 149 -4.01 -9.14 -9.53
N ASN D 150 -4.57 -8.64 -8.43
CA ASN D 150 -3.84 -8.12 -7.29
C ASN D 150 -3.06 -6.87 -7.62
N LYS D 151 -3.49 -6.12 -8.65
CA LYS D 151 -2.87 -4.84 -8.95
C LYS D 151 -3.94 -3.76 -8.97
N ALA D 152 -3.50 -2.50 -8.82
CA ALA D 152 -4.44 -1.38 -8.76
C ALA D 152 -3.79 -0.16 -9.41
N THR D 153 -4.35 0.31 -10.52
CA THR D 153 -3.88 1.53 -11.16
C THR D 153 -4.90 2.61 -10.92
N LEU D 154 -4.48 3.71 -10.25
CA LEU D 154 -5.30 4.91 -10.12
C LEU D 154 -5.05 5.85 -11.29
N VAL D 155 -6.13 6.42 -11.82
CA VAL D 155 -6.09 7.24 -13.03
C VAL D 155 -6.48 8.66 -12.68
N CYS D 156 -5.70 9.64 -13.17
CA CYS D 156 -6.07 11.05 -13.06
C CYS D 156 -5.99 11.66 -14.45
N LEU D 157 -7.11 12.20 -14.95
CA LEU D 157 -7.19 12.83 -16.27
C LEU D 157 -7.25 14.34 -16.04
N ILE D 158 -6.42 15.09 -16.77
CA ILE D 158 -6.19 16.52 -16.57
C ILE D 158 -6.51 17.25 -17.87
N SER D 159 -7.54 18.11 -17.84
CA SER D 159 -8.11 18.64 -19.08
C SER D 159 -8.20 20.16 -19.06
N ASP D 160 -8.13 20.75 -20.24
CA ASP D 160 -8.67 22.08 -20.46
C ASP D 160 -7.83 23.15 -19.76
N PHE D 161 -6.51 22.99 -19.75
CA PHE D 161 -5.66 23.99 -19.12
C PHE D 161 -4.80 24.73 -20.15
N TYR D 162 -4.42 25.95 -19.77
CA TYR D 162 -3.45 26.80 -20.47
C TYR D 162 -2.90 27.76 -19.43
N PRO D 163 -1.56 27.96 -19.42
CA PRO D 163 -0.47 27.36 -20.20
C PRO D 163 -0.22 25.91 -19.88
N SER D 164 0.80 25.31 -20.48
CA SER D 164 0.96 23.88 -20.36
C SER D 164 1.74 23.45 -19.12
N ASP D 165 2.47 24.35 -18.46
CA ASP D 165 3.27 23.93 -17.32
C ASP D 165 2.33 23.53 -16.18
N VAL D 166 2.41 22.28 -15.78
CA VAL D 166 1.73 21.83 -14.57
C VAL D 166 2.69 20.97 -13.78
N GLU D 167 2.43 20.89 -12.47
CA GLU D 167 3.13 19.96 -11.59
C GLU D 167 2.09 19.03 -11.00
N VAL D 168 2.23 17.77 -11.28
CA VAL D 168 1.32 16.74 -10.80
C VAL D 168 1.94 16.01 -9.62
N ALA D 169 1.18 15.82 -8.54
CA ALA D 169 1.66 15.10 -7.39
C ALA D 169 0.54 14.22 -6.87
N TRP D 170 0.91 13.09 -6.26
CA TRP D 170 -0.03 12.20 -5.60
C TRP D 170 0.22 12.16 -4.11
N LYS D 171 -0.85 11.88 -3.37
CA LYS D 171 -0.81 11.72 -1.93
C LYS D 171 -1.48 10.42 -1.55
N ALA D 172 -1.04 9.86 -0.42
CA ALA D 172 -1.65 8.72 0.25
C ALA D 172 -1.94 9.14 1.68
N ASN D 173 -3.21 9.11 2.08
CA ASN D 173 -3.61 9.63 3.42
C ASN D 173 -3.09 11.05 3.61
N GLY D 174 -3.06 11.81 2.53
CA GLY D 174 -2.63 13.19 2.66
C GLY D 174 -1.14 13.42 2.63
N ALA D 175 -0.33 12.38 2.56
CA ALA D 175 1.11 12.53 2.60
C ALA D 175 1.70 12.22 1.23
N PRO D 176 2.81 12.85 0.86
CA PRO D 176 3.34 12.63 -0.51
C PRO D 176 3.65 11.17 -0.79
N ILE D 177 3.32 10.72 -2.00
CA ILE D 177 3.66 9.38 -2.47
C ILE D 177 4.22 9.51 -3.88
N SER D 178 5.45 9.08 -4.07
CA SER D 178 6.12 9.34 -5.35
C SER D 178 6.46 8.09 -6.12
N GLN D 179 6.63 6.96 -5.45
CA GLN D 179 6.90 5.72 -6.16
C GLN D 179 5.68 5.32 -6.96
N GLY D 180 5.88 4.82 -8.18
CA GLY D 180 4.72 4.32 -8.88
C GLY D 180 3.99 5.33 -9.72
N VAL D 181 4.49 6.56 -9.83
CA VAL D 181 3.77 7.63 -10.53
C VAL D 181 4.33 7.75 -11.95
N ASP D 182 3.43 7.74 -12.96
CA ASP D 182 3.80 7.98 -14.35
C ASP D 182 2.96 9.11 -14.87
N THR D 183 3.57 10.19 -15.31
CA THR D 183 2.80 11.36 -15.74
C THR D 183 3.14 11.71 -17.17
N ALA D 184 2.10 11.87 -17.98
CA ALA D 184 2.32 12.25 -19.36
C ALA D 184 2.69 13.73 -19.48
N ASN D 185 3.50 14.01 -20.48
CA ASN D 185 3.73 15.39 -20.86
C ASN D 185 2.47 16.00 -21.45
N PRO D 186 2.15 17.24 -21.11
CA PRO D 186 0.99 17.92 -21.71
C PRO D 186 1.09 17.98 -23.22
N THR D 187 -0.04 17.80 -23.86
CA THR D 187 -0.11 17.94 -25.32
C THR D 187 -1.32 18.79 -25.69
N LYS D 188 -1.19 19.59 -26.75
CA LYS D 188 -2.26 20.46 -27.19
C LYS D 188 -3.30 19.63 -27.91
N GLN D 189 -4.55 19.74 -27.47
CA GLN D 189 -5.73 19.23 -28.17
C GLN D 189 -6.59 20.44 -28.53
N GLY D 190 -6.62 20.82 -29.80
CA GLY D 190 -7.35 22.04 -30.14
C GLY D 190 -6.65 23.21 -29.49
N ASN D 191 -7.40 24.08 -28.79
CA ASN D 191 -6.78 25.22 -28.12
C ASN D 191 -6.52 25.01 -26.62
N LYS D 192 -6.58 23.78 -26.11
CA LYS D 192 -6.26 23.55 -24.71
C LYS D 192 -5.20 22.46 -24.62
N TYR D 193 -4.58 22.35 -23.45
CA TYR D 193 -3.70 21.24 -23.15
C TYR D 193 -4.44 20.16 -22.37
N ILE D 194 -3.98 18.92 -22.50
CA ILE D 194 -4.44 17.79 -21.73
C ILE D 194 -3.24 16.97 -21.32
N ALA D 195 -3.40 16.24 -20.22
CA ALA D 195 -2.38 15.36 -19.66
C ALA D 195 -3.06 14.30 -18.80
N SER D 196 -2.29 13.30 -18.39
CA SER D 196 -2.84 12.26 -17.53
C SER D 196 -1.72 11.81 -16.60
N SER D 197 -2.12 11.18 -15.50
CA SER D 197 -1.15 10.65 -14.56
C SER D 197 -1.73 9.39 -13.96
N PHE D 198 -0.85 8.42 -13.68
CA PHE D 198 -1.24 7.11 -13.20
C PHE D 198 -0.43 6.83 -11.96
N LEU D 199 -1.08 6.25 -10.96
CA LEU D 199 -0.41 5.81 -9.73
C LEU D 199 -0.54 4.29 -9.70
N ARG D 200 0.56 3.58 -9.81
CA ARG D 200 0.56 2.12 -9.85
C ARG D 200 0.79 1.54 -8.47
N LEU D 201 -0.15 0.73 -7.98
CA LEU D 201 -0.08 0.11 -6.66
C LEU D 201 -0.35 -1.39 -6.75
N THR D 202 -0.06 -2.12 -5.66
CA THR D 202 -0.63 -3.44 -5.52
C THR D 202 -2.02 -3.31 -4.89
N ALA D 203 -2.79 -4.40 -4.97
CA ALA D 203 -4.07 -4.42 -4.30
C ALA D 203 -3.92 -4.17 -2.81
N GLU D 204 -2.93 -4.78 -2.15
CA GLU D 204 -2.83 -4.53 -0.69
C GLU D 204 -2.47 -3.08 -0.39
N GLN D 205 -1.72 -2.41 -1.28
CA GLN D 205 -1.41 -1.01 -1.04
C GLN D 205 -2.67 -0.16 -1.19
N TRP D 206 -3.48 -0.43 -2.20
CA TRP D 206 -4.75 0.26 -2.35
C TRP D 206 -5.65 0.09 -1.11
N ARG D 207 -5.91 -1.17 -0.70
CA ARG D 207 -6.90 -1.44 0.35
C ARG D 207 -6.51 -0.85 1.69
N SER D 208 -5.23 -0.60 1.91
CA SER D 208 -4.76 -0.29 3.26
C SER D 208 -4.77 1.22 3.57
N ARG D 209 -5.18 2.08 2.63
CA ARG D 209 -5.22 3.51 2.83
C ARG D 209 -6.63 4.03 3.09
N ASN D 210 -6.69 5.15 3.80
CA ASN D 210 -7.96 5.87 3.91
C ASN D 210 -8.27 6.66 2.65
N SER D 211 -7.26 7.30 2.04
CA SER D 211 -7.50 8.03 0.80
C SER D 211 -6.24 8.08 -0.06
N PHE D 212 -6.44 8.39 -1.34
CA PHE D 212 -5.42 8.86 -2.27
C PHE D 212 -5.92 10.14 -2.92
N THR D 213 -4.97 10.99 -3.32
CA THR D 213 -5.29 12.26 -3.98
C THR D 213 -4.39 12.47 -5.17
N CYS D 214 -4.98 12.94 -6.27
CA CYS D 214 -4.23 13.56 -7.36
C CYS D 214 -4.31 15.08 -7.20
N GLN D 215 -3.14 15.76 -7.14
CA GLN D 215 -3.05 17.22 -7.03
C GLN D 215 -2.32 17.77 -8.25
N VAL D 216 -2.87 18.84 -8.81
CA VAL D 216 -2.26 19.49 -9.96
C VAL D 216 -2.10 20.96 -9.63
N THR D 217 -0.86 21.46 -9.71
CA THR D 217 -0.57 22.86 -9.46
C THR D 217 -0.31 23.52 -10.80
N HIS D 218 -1.03 24.59 -11.06
CA HIS D 218 -1.01 25.26 -12.37
C HIS D 218 -1.02 26.74 -12.05
N GLU D 219 0.09 27.40 -12.30
CA GLU D 219 0.20 28.83 -11.99
C GLU D 219 -0.10 29.11 -10.52
N GLY D 220 0.61 28.39 -9.64
CA GLY D 220 0.55 28.64 -8.20
C GLY D 220 -0.71 28.17 -7.50
N ASN D 221 -1.76 27.83 -8.22
CA ASN D 221 -3.01 27.38 -7.64
C ASN D 221 -3.11 25.86 -7.76
N THR D 222 -3.58 25.19 -6.71
CA THR D 222 -3.65 23.73 -6.71
C THR D 222 -5.10 23.28 -6.72
N VAL D 223 -5.40 22.34 -7.60
CA VAL D 223 -6.69 21.63 -7.63
C VAL D 223 -6.44 20.16 -7.34
N GLU D 224 -7.45 19.49 -6.78
CA GLU D 224 -7.25 18.11 -6.37
C GLU D 224 -8.56 17.37 -6.43
N LYS D 225 -8.44 16.04 -6.59
CA LYS D 225 -9.54 15.09 -6.42
C LYS D 225 -9.01 13.87 -5.70
N SER D 226 -9.84 13.29 -4.80
CA SER D 226 -9.47 12.16 -3.98
C SER D 226 -10.30 10.89 -4.26
N LEU D 227 -9.71 9.75 -3.87
CA LEU D 227 -10.31 8.42 -4.00
C LEU D 227 -10.26 7.73 -2.64
N SER D 228 -11.34 7.03 -2.26
CA SER D 228 -11.43 6.30 -0.98
C SER D 228 -11.65 4.82 -1.25
N PRO D 229 -10.74 3.92 -0.86
CA PRO D 229 -10.86 2.47 -1.06
C PRO D 229 -12.12 1.86 -0.45
#